data_9VCE
#
_entry.id   9VCE
#
_cell.length_a   61.176
_cell.length_b   79.272
_cell.length_c   77.616
_cell.angle_alpha   90.00
_cell.angle_beta   105.71
_cell.angle_gamma   90.00
#
_symmetry.space_group_name_H-M   'P 1 21 1'
#
loop_
_entity.id
_entity.type
_entity.pdbx_description
1 polymer 'Tryptophan--tRNA ligase'
2 non-polymer ~{N}-[[3-[4-(6-azanyl-8-oxidanylidene-9-piperidin-4-yl-purin-7-yl)phenoxy]phenyl]methyl]ethanamide
3 non-polymer 'SULFATE ION'
4 non-polymer "TRYPTOPHANYL-5'AMP"
5 non-polymer CHLORZOXAZONE
6 water water
#
_entity_poly.entity_id   1
_entity_poly.type   'polypeptide(L)'
_entity_poly.pdbx_seq_one_letter_code
;MTKPIVFSGAQPSGELTIGNYMGALRQWVNMQDDYHCIYCIVDQHAITVRQDAQKLRKATLDTLALYLACGIDPEKSTIF
VQSHVPEHAQLGWALNCYTYFGELSRMTQFKDKSARYAENINAGLFDYPVLMAADILLYQTNLVPVGEDQKQHLELSRDI
AQRFNALYGEIFKVPEPFIPKSGARVMSLLEPTKKMSKSDDNRNNVIGLLEDPKSVVKKIKRAVTDSDEPPVVRYDVQNK
AGVSNLLDILSAVTGQSIPELEKQFEGKMYGHLKGEVADAVSGMLTELQERYHRFRNDEAFLQQVMKDGAEKASAHASRT
LKAVYEAIGFVAKRHHHHHH
;
_entity_poly.pdbx_strand_id   A,B
#
# COMPACT_ATOMS: atom_id res chain seq x y z
N THR A 2 -27.11 -3.82 -16.61
CA THR A 2 -26.61 -2.78 -15.69
C THR A 2 -25.78 -1.76 -16.48
N LYS A 3 -25.89 -0.48 -16.05
CA LYS A 3 -25.13 0.65 -16.66
C LYS A 3 -23.67 0.48 -16.28
N PRO A 4 -22.75 0.45 -17.26
CA PRO A 4 -21.37 0.08 -16.96
C PRO A 4 -20.69 1.16 -16.15
N ILE A 5 -19.75 0.73 -15.31
CA ILE A 5 -18.92 1.61 -14.49
C ILE A 5 -17.61 1.83 -15.20
N VAL A 6 -17.23 3.09 -15.35
CA VAL A 6 -16.01 3.50 -16.01
C VAL A 6 -15.15 4.13 -14.94
N PHE A 7 -13.89 3.71 -14.86
CA PHE A 7 -12.95 4.30 -13.88
C PHE A 7 -11.82 5.00 -14.62
N SER A 8 -11.54 6.25 -14.26
CA SER A 8 -10.44 7.01 -14.86
C SER A 8 -9.58 7.57 -13.74
N GLY A 9 -8.27 7.43 -13.86
CA GLY A 9 -7.34 8.01 -12.91
C GLY A 9 -6.75 9.28 -13.49
N ALA A 10 -7.07 10.42 -12.89
CA ALA A 10 -6.62 11.72 -13.37
C ALA A 10 -5.38 12.14 -12.60
N GLN A 11 -4.25 12.15 -13.26
CA GLN A 11 -3.03 12.48 -12.54
C GLN A 11 -2.94 13.99 -12.34
N PRO A 12 -2.74 14.47 -11.10
CA PRO A 12 -2.84 15.92 -10.84
C PRO A 12 -1.82 16.75 -11.59
N SER A 13 -0.57 16.29 -11.65
CA SER A 13 0.49 17.09 -12.23
C SER A 13 0.39 17.13 -13.75
N GLY A 14 0.71 18.29 -14.32
CA GLY A 14 0.64 18.50 -15.75
C GLY A 14 -0.69 19.05 -16.22
N GLU A 15 -0.69 20.28 -16.73
CA GLU A 15 -1.94 20.89 -17.19
C GLU A 15 -2.46 20.19 -18.43
N LEU A 16 -3.78 19.94 -18.45
CA LEU A 16 -4.40 19.32 -19.60
C LEU A 16 -4.16 20.16 -20.86
N THR A 17 -4.06 19.49 -22.00
CA THR A 17 -3.86 20.15 -23.28
C THR A 17 -5.14 20.09 -24.10
N ILE A 18 -5.18 20.86 -25.19
CA ILE A 18 -6.31 20.75 -26.10
C ILE A 18 -6.42 19.33 -26.66
N GLY A 19 -5.30 18.58 -26.70
CA GLY A 19 -5.39 17.18 -27.10
C GLY A 19 -6.12 16.34 -26.07
N ASN A 20 -5.89 16.62 -24.79
CA ASN A 20 -6.61 15.91 -23.74
C ASN A 20 -8.10 16.24 -23.79
N TYR A 21 -8.43 17.50 -24.08
CA TYR A 21 -9.82 17.92 -24.08
C TYR A 21 -10.56 17.39 -25.31
N MET A 22 -10.11 17.81 -26.49
CA MET A 22 -10.83 17.47 -27.71
C MET A 22 -10.69 15.99 -28.05
N GLY A 23 -9.61 15.36 -27.61
CA GLY A 23 -9.37 13.98 -27.95
C GLY A 23 -10.04 12.96 -27.07
N ALA A 24 -10.56 13.34 -25.91
CA ALA A 24 -11.09 12.34 -25.00
C ALA A 24 -12.07 12.93 -24.01
N LEU A 25 -11.68 13.93 -23.22
CA LEU A 25 -12.56 14.45 -22.13
C LEU A 25 -13.85 15.04 -22.70
N ARG A 26 -13.75 15.77 -23.80
CA ARG A 26 -14.96 16.41 -24.35
C ARG A 26 -15.99 15.33 -24.66
N GLN A 27 -15.52 14.22 -25.19
CA GLN A 27 -16.45 13.14 -25.51
C GLN A 27 -16.96 12.44 -24.25
N TRP A 28 -16.08 12.23 -23.27
CA TRP A 28 -16.52 11.63 -22.01
C TRP A 28 -17.51 12.52 -21.29
N VAL A 29 -17.38 13.83 -21.44
CA VAL A 29 -18.35 14.73 -20.83
C VAL A 29 -19.75 14.44 -21.35
N ASN A 30 -19.87 14.01 -22.61
CA ASN A 30 -21.16 13.73 -23.23
C ASN A 30 -21.60 12.26 -23.07
N MET A 31 -20.84 11.46 -22.32
CA MET A 31 -21.22 10.09 -21.99
C MET A 31 -21.52 9.90 -20.52
N GLN A 32 -21.74 11.00 -19.78
CA GLN A 32 -21.95 10.89 -18.35
C GLN A 32 -23.28 10.25 -18.00
N ASP A 33 -24.24 10.24 -18.92
CA ASP A 33 -25.49 9.56 -18.67
C ASP A 33 -25.49 8.13 -19.21
N ASP A 34 -24.58 7.81 -20.12
CA ASP A 34 -24.50 6.45 -20.66
C ASP A 34 -23.82 5.49 -19.71
N TYR A 35 -22.88 6.03 -18.95
CA TYR A 35 -22.08 5.20 -18.04
C TYR A 35 -22.02 5.81 -16.64
N HIS A 36 -21.80 4.97 -15.65
CA HIS A 36 -21.51 5.48 -14.29
C HIS A 36 -20.02 5.79 -14.28
N CYS A 37 -19.67 7.03 -14.58
CA CYS A 37 -18.25 7.41 -14.70
C CYS A 37 -17.65 7.84 -13.36
N ILE A 38 -16.45 7.36 -13.11
CA ILE A 38 -15.71 7.69 -11.88
C ILE A 38 -14.41 8.36 -12.28
N TYR A 39 -14.15 9.53 -11.73
CA TYR A 39 -12.92 10.27 -11.98
C TYR A 39 -12.20 10.39 -10.64
N CYS A 40 -11.08 9.71 -10.54
CA CYS A 40 -10.28 9.67 -9.34
C CYS A 40 -9.03 10.51 -9.55
N ILE A 41 -8.90 11.61 -8.80
CA ILE A 41 -7.66 12.40 -8.86
C ILE A 41 -6.61 11.70 -8.03
N VAL A 42 -5.65 11.07 -8.70
CA VAL A 42 -4.84 10.04 -8.06
C VAL A 42 -3.58 10.64 -7.43
N ASP A 43 -3.77 11.36 -6.33
CA ASP A 43 -2.63 11.92 -5.62
C ASP A 43 -1.73 10.84 -5.02
N GLN A 44 -2.25 9.65 -4.73
CA GLN A 44 -1.38 8.63 -4.18
C GLN A 44 -0.46 8.06 -5.25
N HIS A 45 -0.92 8.00 -6.50
CA HIS A 45 -0.01 7.68 -7.59
C HIS A 45 1.06 8.75 -7.80
N ALA A 46 0.70 10.02 -7.56
CA ALA A 46 1.62 11.12 -7.83
C ALA A 46 2.92 10.98 -7.05
N ILE A 47 2.82 10.56 -5.78
CA ILE A 47 4.00 10.60 -4.90
C ILE A 47 5.01 9.50 -5.20
N THR A 48 4.79 8.67 -6.23
CA THR A 48 5.88 7.83 -6.67
C THR A 48 7.05 8.66 -7.17
N VAL A 49 6.80 9.92 -7.54
CA VAL A 49 7.82 10.85 -7.97
C VAL A 49 7.92 11.96 -6.93
N ARG A 50 9.12 12.13 -6.36
CA ARG A 50 9.38 13.24 -5.44
C ARG A 50 8.94 14.55 -6.05
N GLN A 51 8.17 15.32 -5.30
CA GLN A 51 7.75 16.61 -5.83
C GLN A 51 7.34 17.52 -4.69
N ASP A 52 7.33 18.82 -5.00
CA ASP A 52 6.98 19.82 -4.02
C ASP A 52 5.56 19.60 -3.50
N ALA A 53 5.44 19.64 -2.17
CA ALA A 53 4.16 19.33 -1.53
C ALA A 53 3.11 20.37 -1.84
N GLN A 54 3.45 21.65 -1.71
CA GLN A 54 2.46 22.69 -1.98
C GLN A 54 2.00 22.66 -3.43
N LYS A 55 2.90 22.31 -4.35
CA LYS A 55 2.51 22.23 -5.76
C LYS A 55 1.59 21.04 -6.01
N LEU A 56 1.80 19.95 -5.28
CA LEU A 56 0.93 18.80 -5.41
C LEU A 56 -0.47 19.10 -4.89
N ARG A 57 -0.56 19.77 -3.74
CA ARG A 57 -1.86 20.21 -3.23
C ARG A 57 -2.55 21.13 -4.22
N LYS A 58 -1.82 22.12 -4.74
CA LYS A 58 -2.40 23.04 -5.72
C LYS A 58 -2.84 22.31 -6.99
N ALA A 59 -1.99 21.40 -7.49
CA ALA A 59 -2.31 20.72 -8.74
C ALA A 59 -3.51 19.79 -8.58
N THR A 60 -3.70 19.24 -7.38
CA THR A 60 -4.90 18.46 -7.10
C THR A 60 -6.13 19.32 -7.29
N LEU A 61 -6.12 20.53 -6.71
CA LEU A 61 -7.25 21.43 -6.83
C LEU A 61 -7.37 21.96 -8.25
N ASP A 62 -6.24 22.24 -8.90
CA ASP A 62 -6.27 22.68 -10.29
C ASP A 62 -6.94 21.64 -11.16
N THR A 63 -6.55 20.38 -10.99
CA THR A 63 -7.10 19.30 -11.80
C THR A 63 -8.59 19.14 -11.56
N LEU A 64 -9.03 19.23 -10.29
CA LEU A 64 -10.45 19.11 -9.96
C LEU A 64 -11.26 20.20 -10.64
N ALA A 65 -10.81 21.45 -10.54
CA ALA A 65 -11.57 22.55 -11.13
C ALA A 65 -11.61 22.44 -12.65
N LEU A 66 -10.52 21.98 -13.26
CA LEU A 66 -10.48 21.91 -14.72
C LEU A 66 -11.38 20.79 -15.24
N TYR A 67 -11.42 19.64 -14.54
CA TYR A 67 -12.36 18.60 -14.91
C TYR A 67 -13.80 19.10 -14.80
N LEU A 68 -14.11 19.79 -13.69
CA LEU A 68 -15.40 20.43 -13.56
C LEU A 68 -15.63 21.45 -14.67
N ALA A 69 -14.61 22.26 -14.97
CA ALA A 69 -14.72 23.26 -16.03
C ALA A 69 -14.96 22.61 -17.39
N CYS A 70 -14.31 21.48 -17.65
CA CYS A 70 -14.57 20.81 -18.93
C CYS A 70 -15.97 20.20 -19.01
N GLY A 71 -16.71 20.15 -17.90
CA GLY A 71 -18.09 19.71 -17.91
C GLY A 71 -18.36 18.39 -17.19
N ILE A 72 -17.39 17.84 -16.47
CA ILE A 72 -17.71 16.74 -15.58
C ILE A 72 -18.69 17.24 -14.53
N ASP A 73 -19.80 16.53 -14.40
CA ASP A 73 -20.91 16.94 -13.57
C ASP A 73 -20.87 16.10 -12.29
N PRO A 74 -20.46 16.67 -11.16
CA PRO A 74 -20.35 15.87 -9.93
C PRO A 74 -21.68 15.29 -9.47
N GLU A 75 -22.78 15.71 -10.09
CA GLU A 75 -24.08 15.12 -9.79
C GLU A 75 -24.34 13.87 -10.61
N LYS A 76 -23.80 13.81 -11.84
CA LYS A 76 -23.91 12.63 -12.70
C LYS A 76 -22.73 11.68 -12.54
N SER A 77 -21.52 12.21 -12.50
CA SER A 77 -20.32 11.39 -12.32
C SER A 77 -19.83 11.48 -10.88
N THR A 78 -18.94 10.56 -10.51
CA THR A 78 -18.29 10.58 -9.21
C THR A 78 -16.87 11.09 -9.40
N ILE A 79 -16.56 12.22 -8.77
CA ILE A 79 -15.21 12.79 -8.86
C ILE A 79 -14.72 13.03 -7.44
N PHE A 80 -13.49 12.60 -7.17
CA PHE A 80 -12.98 12.59 -5.82
C PHE A 80 -11.47 12.47 -5.84
N VAL A 81 -10.86 12.77 -4.72
CA VAL A 81 -9.42 12.65 -4.56
C VAL A 81 -9.12 11.29 -3.95
N GLN A 82 -8.21 10.55 -4.61
CA GLN A 82 -7.85 9.19 -4.22
C GLN A 82 -7.59 9.06 -2.72
N SER A 83 -6.74 9.95 -2.17
CA SER A 83 -6.35 9.81 -0.77
C SER A 83 -7.50 9.99 0.21
N HIS A 84 -8.62 10.58 -0.22
CA HIS A 84 -9.77 10.75 0.65
C HIS A 84 -10.54 9.45 0.86
N VAL A 85 -10.17 8.39 0.17
CA VAL A 85 -10.87 7.12 0.24
C VAL A 85 -9.88 6.04 0.64
N PRO A 86 -9.82 5.72 1.95
CA PRO A 86 -8.81 4.78 2.44
C PRO A 86 -8.86 3.43 1.76
N GLU A 87 -10.02 3.04 1.26
CA GLU A 87 -10.16 1.71 0.68
C GLU A 87 -9.16 1.47 -0.44
N HIS A 88 -8.71 2.53 -1.11
CA HIS A 88 -7.73 2.35 -2.19
C HIS A 88 -6.43 1.75 -1.66
N ALA A 89 -5.89 2.34 -0.59
CA ALA A 89 -4.67 1.79 -0.01
C ALA A 89 -4.93 0.42 0.62
N GLN A 90 -6.10 0.25 1.20
CA GLN A 90 -6.42 -1.03 1.87
C GLN A 90 -6.45 -2.17 0.85
N LEU A 91 -7.23 -1.99 -0.21
CA LEU A 91 -7.27 -3.01 -1.23
C LEU A 91 -5.92 -3.15 -1.91
N GLY A 92 -5.16 -2.06 -2.02
CA GLY A 92 -3.82 -2.15 -2.59
C GLY A 92 -2.93 -3.11 -1.82
N TRP A 93 -2.91 -3.00 -0.49
CA TRP A 93 -2.11 -3.93 0.29
C TRP A 93 -2.60 -5.35 0.08
N ALA A 94 -3.91 -5.56 0.20
CA ALA A 94 -4.43 -6.91 0.04
C ALA A 94 -4.03 -7.48 -1.31
N LEU A 95 -4.15 -6.68 -2.36
CA LEU A 95 -3.84 -7.19 -3.70
C LEU A 95 -2.32 -7.38 -3.90
N ASN A 96 -1.45 -6.63 -3.19
CA ASN A 96 -0.03 -7.04 -3.15
C ASN A 96 0.15 -8.49 -2.83
N CYS A 97 -0.67 -9.01 -1.92
CA CYS A 97 -0.46 -10.39 -1.47
C CYS A 97 -0.94 -11.42 -2.49
N TYR A 98 -1.59 -10.96 -3.56
CA TYR A 98 -2.03 -11.84 -4.64
C TYR A 98 -1.39 -11.44 -5.96
N THR A 99 -0.33 -10.64 -5.91
CA THR A 99 0.43 -10.22 -7.08
C THR A 99 1.81 -10.83 -7.01
N TYR A 100 2.24 -11.51 -8.06
CA TYR A 100 3.59 -12.04 -8.09
C TYR A 100 4.61 -10.90 -8.14
N PHE A 101 5.67 -11.05 -7.35
CA PHE A 101 6.83 -10.14 -7.49
C PHE A 101 7.28 -10.08 -8.94
N GLY A 102 7.37 -11.24 -9.59
CA GLY A 102 7.80 -11.27 -10.98
C GLY A 102 6.92 -10.43 -11.90
N GLU A 103 5.62 -10.36 -11.62
CA GLU A 103 4.73 -9.53 -12.44
C GLU A 103 5.14 -8.06 -12.38
N LEU A 104 5.53 -7.59 -11.19
CA LEU A 104 5.95 -6.19 -11.06
C LEU A 104 7.32 -5.96 -11.71
N SER A 105 8.25 -6.91 -11.58
CA SER A 105 9.56 -6.71 -12.18
C SER A 105 9.48 -6.75 -13.70
N ARG A 106 8.53 -7.51 -14.24
CA ARG A 106 8.35 -7.62 -15.69
C ARG A 106 7.56 -6.47 -16.28
N MET A 107 7.17 -5.48 -15.49
CA MET A 107 6.46 -4.32 -16.02
C MET A 107 7.39 -3.50 -16.91
N ALA A 118 17.94 0.75 -10.40
CA ALA A 118 17.23 -0.45 -9.93
C ALA A 118 17.10 -0.45 -8.41
N GLU A 119 18.22 -0.68 -7.73
CA GLU A 119 18.21 -0.68 -6.28
C GLU A 119 17.83 0.68 -5.70
N ASN A 120 17.84 1.75 -6.51
CA ASN A 120 17.59 3.11 -6.06
C ASN A 120 16.21 3.66 -6.43
N ILE A 121 15.39 2.90 -7.15
CA ILE A 121 14.02 3.37 -7.38
C ILE A 121 13.22 3.15 -6.10
N ASN A 122 12.26 4.05 -5.82
CA ASN A 122 11.50 3.81 -4.62
C ASN A 122 10.46 2.71 -4.83
N ALA A 123 10.00 2.13 -3.72
CA ALA A 123 9.07 1.00 -3.80
C ALA A 123 7.71 1.40 -4.37
N GLY A 124 7.34 2.68 -4.27
CA GLY A 124 6.10 3.13 -4.89
C GLY A 124 6.16 3.04 -6.41
N LEU A 125 7.29 3.44 -6.99
CA LEU A 125 7.52 3.26 -8.42
C LEU A 125 7.43 1.80 -8.82
N PHE A 126 7.84 0.88 -7.96
CA PHE A 126 7.76 -0.53 -8.28
C PHE A 126 6.35 -1.08 -8.09
N ASP A 127 5.60 -0.54 -7.12
CA ASP A 127 4.37 -1.15 -6.63
C ASP A 127 3.09 -0.46 -7.09
N TYR A 128 3.18 0.69 -7.76
CA TYR A 128 1.96 1.39 -8.15
C TYR A 128 1.06 0.60 -9.09
N PRO A 129 1.54 -0.34 -9.91
CA PRO A 129 0.56 -1.11 -10.72
C PRO A 129 -0.44 -1.86 -9.87
N VAL A 130 -0.05 -2.26 -8.66
CA VAL A 130 -0.99 -2.90 -7.75
C VAL A 130 -1.99 -1.89 -7.22
N LEU A 131 -1.52 -0.69 -6.84
CA LEU A 131 -2.45 0.36 -6.45
C LEU A 131 -3.45 0.63 -7.56
N MET A 132 -2.97 0.74 -8.80
CA MET A 132 -3.91 0.96 -9.91
C MET A 132 -4.91 -0.17 -10.03
N ALA A 133 -4.48 -1.42 -9.80
CA ALA A 133 -5.44 -2.51 -9.84
C ALA A 133 -6.48 -2.35 -8.73
N ALA A 134 -6.04 -1.97 -7.52
CA ALA A 134 -6.98 -1.68 -6.46
C ALA A 134 -7.93 -0.53 -6.83
N ASP A 135 -7.38 0.56 -7.41
CA ASP A 135 -8.20 1.70 -7.78
C ASP A 135 -9.37 1.25 -8.65
N ILE A 136 -9.07 0.40 -9.63
CA ILE A 136 -10.07 -0.05 -10.58
C ILE A 136 -11.01 -1.06 -9.93
N LEU A 137 -10.44 -2.07 -9.28
CA LEU A 137 -11.25 -3.19 -8.82
C LEU A 137 -12.19 -2.81 -7.69
N LEU A 138 -11.88 -1.75 -6.93
CA LEU A 138 -12.77 -1.34 -5.84
C LEU A 138 -14.18 -1.05 -6.31
N TYR A 139 -14.33 -0.53 -7.52
CA TYR A 139 -15.61 0.02 -7.95
C TYR A 139 -16.37 -0.92 -8.88
N GLN A 140 -15.97 -2.20 -8.94
CA GLN A 140 -16.65 -3.14 -9.84
C GLN A 140 -16.65 -2.57 -11.26
N THR A 141 -15.52 -1.98 -11.61
CA THR A 141 -15.36 -1.25 -12.85
C THR A 141 -15.46 -2.19 -14.05
N ASN A 142 -16.26 -1.79 -15.04
CA ASN A 142 -16.34 -2.53 -16.29
C ASN A 142 -15.37 -2.02 -17.34
N LEU A 143 -15.10 -0.74 -17.37
CA LEU A 143 -14.37 -0.11 -18.47
C LEU A 143 -13.32 0.85 -17.92
N VAL A 144 -12.12 0.80 -18.49
CA VAL A 144 -11.04 1.70 -18.11
C VAL A 144 -10.47 2.33 -19.37
N PRO A 145 -10.56 3.65 -19.54
CA PRO A 145 -9.90 4.33 -20.67
C PRO A 145 -8.42 4.53 -20.41
N VAL A 146 -7.65 3.44 -20.45
CA VAL A 146 -6.22 3.53 -20.18
C VAL A 146 -5.50 4.33 -21.26
N GLY A 147 -4.37 4.90 -20.88
CA GLY A 147 -3.42 5.37 -21.89
C GLY A 147 -2.79 4.20 -22.62
N GLU A 148 -2.13 4.51 -23.74
CA GLU A 148 -1.47 3.44 -24.48
C GLU A 148 -0.28 2.89 -23.70
N ASP A 149 0.30 3.69 -22.81
CA ASP A 149 1.39 3.23 -21.95
C ASP A 149 0.91 2.46 -20.72
N GLN A 150 -0.40 2.29 -20.54
CA GLN A 150 -0.95 1.63 -19.36
C GLN A 150 -1.63 0.31 -19.69
N LYS A 151 -1.41 -0.23 -20.89
CA LYS A 151 -2.14 -1.43 -21.28
C LYS A 151 -1.65 -2.65 -20.52
N GLN A 152 -0.34 -2.73 -20.29
CA GLN A 152 0.20 -3.85 -19.48
C GLN A 152 -0.35 -3.76 -18.07
N HIS A 153 -0.55 -2.53 -17.58
CA HIS A 153 -1.06 -2.34 -16.23
C HIS A 153 -2.48 -2.84 -16.10
N LEU A 154 -3.31 -2.54 -17.09
CA LEU A 154 -4.68 -3.04 -17.10
C LEU A 154 -4.69 -4.56 -17.21
N GLU A 155 -3.80 -5.12 -18.03
CA GLU A 155 -3.72 -6.58 -18.10
C GLU A 155 -3.40 -7.18 -16.74
N LEU A 156 -2.47 -6.56 -15.99
CA LEU A 156 -2.20 -7.03 -14.64
C LEU A 156 -3.44 -6.96 -13.76
N SER A 157 -4.19 -5.85 -13.85
CA SER A 157 -5.40 -5.73 -13.05
C SER A 157 -6.40 -6.83 -13.40
N ARG A 158 -6.52 -7.16 -14.68
CA ARG A 158 -7.40 -8.25 -15.07
C ARG A 158 -6.88 -9.58 -14.54
N ASP A 159 -5.56 -9.80 -14.64
CA ASP A 159 -4.98 -11.04 -14.12
C ASP A 159 -5.24 -11.16 -12.63
N ILE A 160 -5.03 -10.07 -11.88
CA ILE A 160 -5.26 -10.11 -10.43
C ILE A 160 -6.71 -10.40 -10.14
N ALA A 161 -7.63 -9.72 -10.82
CA ALA A 161 -9.05 -9.94 -10.58
C ALA A 161 -9.42 -11.40 -10.81
N GLN A 162 -8.97 -11.98 -11.91
CA GLN A 162 -9.33 -13.37 -12.21
C GLN A 162 -8.70 -14.32 -11.20
N ARG A 163 -7.46 -14.06 -10.82
CA ARG A 163 -6.77 -14.90 -9.83
C ARG A 163 -7.52 -14.89 -8.50
N PHE A 164 -7.89 -13.70 -8.03
CA PHE A 164 -8.63 -13.59 -6.78
C PHE A 164 -10.00 -14.26 -6.91
N ASN A 165 -10.68 -14.00 -8.02
CA ASN A 165 -12.00 -14.59 -8.25
C ASN A 165 -11.92 -16.12 -8.29
N ALA A 166 -10.86 -16.66 -8.91
CA ALA A 166 -10.74 -18.12 -8.99
C ALA A 166 -10.58 -18.73 -7.61
N LEU A 167 -9.96 -18.01 -6.68
CA LEU A 167 -9.82 -18.55 -5.33
C LEU A 167 -11.07 -18.37 -4.50
N TYR A 168 -11.77 -17.24 -4.65
CA TYR A 168 -12.73 -16.83 -3.64
C TYR A 168 -14.16 -16.63 -4.12
N GLY A 169 -14.44 -16.76 -5.40
CA GLY A 169 -15.75 -16.45 -5.92
C GLY A 169 -15.70 -15.14 -6.70
N GLU A 170 -16.85 -14.76 -7.25
CA GLU A 170 -16.85 -13.63 -8.18
C GLU A 170 -16.96 -12.32 -7.39
N ILE A 171 -15.83 -11.98 -6.76
CA ILE A 171 -15.73 -10.78 -5.93
C ILE A 171 -15.52 -9.54 -6.80
N PHE A 172 -14.69 -9.64 -7.82
CA PHE A 172 -14.33 -8.52 -8.69
C PHE A 172 -14.96 -8.68 -10.07
N LYS A 173 -15.29 -7.55 -10.67
CA LYS A 173 -15.52 -7.50 -12.10
C LYS A 173 -14.17 -7.51 -12.78
N VAL A 174 -14.08 -8.24 -13.89
CA VAL A 174 -12.86 -8.19 -14.70
C VAL A 174 -13.01 -6.99 -15.63
N PRO A 175 -12.19 -5.95 -15.47
CA PRO A 175 -12.36 -4.74 -16.28
C PRO A 175 -11.87 -4.96 -17.70
N GLU A 176 -12.40 -4.13 -18.60
CA GLU A 176 -12.01 -4.13 -20.01
C GLU A 176 -11.49 -2.76 -20.40
N PRO A 177 -10.55 -2.68 -21.34
CA PRO A 177 -10.18 -1.38 -21.89
C PRO A 177 -11.35 -0.75 -22.61
N PHE A 178 -11.44 0.57 -22.53
CA PHE A 178 -12.36 1.29 -23.40
C PHE A 178 -11.70 1.39 -24.76
N ILE A 179 -12.20 0.63 -25.74
CA ILE A 179 -11.52 0.51 -27.03
C ILE A 179 -11.71 1.74 -27.90
N PRO A 180 -12.93 2.23 -28.13
CA PRO A 180 -13.11 3.28 -29.16
C PRO A 180 -12.45 4.62 -28.81
N LYS A 181 -11.90 5.26 -29.83
CA LYS A 181 -11.30 6.60 -29.72
C LYS A 181 -12.34 7.69 -29.98
N GLY A 183 -11.28 10.84 -29.83
CA GLY A 183 -12.22 11.33 -30.82
C GLY A 183 -11.68 12.41 -31.74
N ALA A 184 -10.37 12.68 -31.65
CA ALA A 184 -9.74 13.72 -32.46
C ALA A 184 -8.23 13.60 -32.36
N ARG A 185 -7.56 13.75 -33.49
CA ARG A 185 -6.10 13.67 -33.56
C ARG A 185 -5.49 15.05 -33.35
N VAL A 186 -4.72 15.20 -32.28
CA VAL A 186 -4.02 16.45 -31.99
C VAL A 186 -2.56 16.11 -31.77
N MET A 187 -1.72 16.53 -32.70
CA MET A 187 -0.30 16.21 -32.65
C MET A 187 0.50 17.40 -32.13
N SER A 188 1.77 17.14 -31.83
CA SER A 188 2.65 18.17 -31.28
C SER A 188 2.95 19.23 -32.33
N LEU A 189 2.93 20.50 -31.89
CA LEU A 189 3.01 21.60 -32.85
C LEU A 189 4.35 21.62 -33.56
N LEU A 190 5.43 21.26 -32.86
CA LEU A 190 6.76 21.28 -33.47
C LEU A 190 7.24 19.89 -33.89
N GLU A 191 6.55 18.84 -33.51
CA GLU A 191 6.83 17.47 -33.97
C GLU A 191 5.50 16.85 -34.33
N PRO A 192 5.01 17.12 -35.54
CA PRO A 192 3.64 16.68 -35.90
C PRO A 192 3.47 15.18 -35.91
N THR A 193 4.54 14.40 -35.86
CA THR A 193 4.40 12.95 -35.78
C THR A 193 4.18 12.45 -34.35
N LYS A 194 4.23 13.32 -33.34
CA LYS A 194 4.12 12.87 -31.95
C LYS A 194 2.79 13.40 -31.43
N LYS A 195 2.02 12.54 -30.76
CA LYS A 195 0.80 13.00 -30.12
C LYS A 195 1.13 14.13 -29.15
N MET A 196 0.25 15.13 -29.09
CA MET A 196 0.42 16.19 -28.10
C MET A 196 0.16 15.62 -26.71
N SER A 197 1.15 15.74 -25.82
CA SER A 197 1.11 15.08 -24.52
C SER A 197 1.26 16.09 -23.40
N LYS A 198 0.38 15.97 -22.40
CA LYS A 198 0.41 16.93 -21.28
C LYS A 198 1.62 16.90 -20.45
N SER A 199 2.42 15.83 -20.56
CA SER A 199 3.67 15.64 -19.82
C SER A 199 4.89 16.07 -20.62
N ASP A 200 4.71 16.63 -21.81
CA ASP A 200 5.85 17.03 -22.64
C ASP A 200 6.66 18.10 -21.94
N ASP A 201 7.98 17.97 -22.01
CA ASP A 201 8.87 18.98 -21.45
C ASP A 201 8.92 20.23 -22.32
N ASN A 202 8.95 20.05 -23.64
CA ASN A 202 8.85 21.15 -24.60
C ASN A 202 7.42 21.66 -24.58
N ARG A 203 7.20 22.77 -23.87
CA ARG A 203 5.87 23.34 -23.76
C ARG A 203 5.38 23.93 -25.08
N ASN A 204 6.28 24.21 -26.02
CA ASN A 204 5.85 24.77 -27.30
C ASN A 204 5.19 23.72 -28.20
N ASN A 205 5.37 22.44 -27.90
CA ASN A 205 4.65 21.38 -28.62
C ASN A 205 3.17 21.34 -28.26
N VAL A 206 2.78 21.95 -27.14
CA VAL A 206 1.43 21.75 -26.60
C VAL A 206 0.74 23.10 -26.55
N ILE A 207 -0.58 23.05 -26.47
CA ILE A 207 -1.39 24.17 -26.02
C ILE A 207 -2.16 23.70 -24.80
N GLY A 208 -1.87 24.30 -23.64
CA GLY A 208 -2.60 23.97 -22.44
C GLY A 208 -3.95 24.66 -22.40
N LEU A 209 -4.89 24.04 -21.67
CA LEU A 209 -6.25 24.58 -21.63
C LEU A 209 -6.34 25.96 -21.01
N LEU A 210 -5.32 26.38 -20.26
CA LEU A 210 -5.36 27.67 -19.58
C LEU A 210 -4.59 28.76 -20.30
N GLU A 211 -4.08 28.47 -21.49
CA GLU A 211 -3.23 29.42 -22.20
C GLU A 211 -4.04 30.59 -22.74
N ASP A 212 -3.42 31.79 -22.71
CA ASP A 212 -4.17 32.97 -23.12
C ASP A 212 -4.06 33.15 -24.62
N PRO A 213 -4.92 33.97 -25.23
CA PRO A 213 -4.90 34.07 -26.69
C PRO A 213 -3.54 34.45 -27.27
N LYS A 214 -2.76 35.26 -26.55
CA LYS A 214 -1.44 35.64 -27.05
C LYS A 214 -0.49 34.45 -27.06
N SER A 215 -0.60 33.59 -26.06
CA SER A 215 0.22 32.37 -26.02
C SER A 215 -0.17 31.41 -27.14
N VAL A 216 -1.47 31.26 -27.38
CA VAL A 216 -1.95 30.39 -28.46
C VAL A 216 -1.45 30.89 -29.80
N VAL A 217 -1.60 32.18 -30.07
CA VAL A 217 -1.12 32.74 -31.33
C VAL A 217 0.36 32.44 -31.53
N LYS A 218 1.17 32.67 -30.49
CA LYS A 218 2.61 32.48 -30.60
C LYS A 218 2.95 31.02 -30.91
N LYS A 219 2.33 30.09 -30.20
CA LYS A 219 2.65 28.68 -30.41
C LYS A 219 2.16 28.19 -31.77
N ILE A 220 0.98 28.63 -32.19
CA ILE A 220 0.51 28.25 -33.52
C ILE A 220 1.39 28.86 -34.61
N LYS A 221 1.94 30.06 -34.37
CA LYS A 221 2.75 30.71 -35.40
C LYS A 221 4.01 29.91 -35.69
N ARG A 222 4.58 29.27 -34.67
CA ARG A 222 5.80 28.49 -34.84
C ARG A 222 5.53 27.05 -35.26
N ALA A 223 4.27 26.62 -35.28
CA ALA A 223 3.93 25.24 -35.65
C ALA A 223 4.52 24.92 -37.00
N VAL A 224 5.17 23.75 -37.10
CA VAL A 224 5.88 23.44 -38.32
C VAL A 224 4.88 23.17 -39.44
N THR A 225 5.25 23.54 -40.66
CA THR A 225 4.39 23.28 -41.80
C THR A 225 5.18 22.52 -42.86
N ASP A 226 5.27 23.04 -44.07
CA ASP A 226 6.10 22.41 -45.11
C ASP A 226 6.58 23.49 -46.05
N SER A 227 7.43 23.10 -47.00
CA SER A 227 7.97 24.00 -48.00
C SER A 227 7.28 23.88 -49.35
N ASP A 228 6.04 23.37 -49.37
CA ASP A 228 5.30 23.29 -50.62
C ASP A 228 5.22 24.67 -51.26
N GLU A 229 5.45 24.72 -52.56
CA GLU A 229 5.32 25.96 -53.34
C GLU A 229 4.42 25.72 -54.55
N PRO A 230 3.28 26.42 -54.65
CA PRO A 230 2.72 27.34 -53.65
C PRO A 230 2.32 26.61 -52.39
N PRO A 231 2.24 27.32 -51.27
CA PRO A 231 1.70 26.70 -50.07
C PRO A 231 0.29 26.23 -50.38
N VAL A 232 -0.07 25.08 -49.84
CA VAL A 232 -1.37 24.50 -50.16
C VAL A 232 -1.93 23.86 -48.91
N VAL A 233 -3.10 24.33 -48.48
CA VAL A 233 -3.75 23.81 -47.29
C VAL A 233 -4.52 22.55 -47.70
N ARG A 234 -3.86 21.40 -47.61
CA ARG A 234 -4.47 20.13 -48.00
C ARG A 234 -4.00 19.06 -47.03
N TYR A 235 -4.89 18.12 -46.75
CA TYR A 235 -4.63 17.11 -45.74
C TYR A 235 -3.80 15.96 -46.33
N ASP A 236 -2.68 15.67 -45.66
CA ASP A 236 -1.74 14.67 -46.14
C ASP A 236 -0.78 14.38 -45.00
N VAL A 237 -1.09 13.40 -44.15
CA VAL A 237 -0.29 13.20 -42.94
C VAL A 237 1.13 12.79 -43.31
N GLN A 238 1.27 12.01 -44.36
CA GLN A 238 2.59 11.54 -44.78
C GLN A 238 3.46 12.68 -45.28
N ASN A 239 2.92 13.54 -46.13
CA ASN A 239 3.73 14.58 -46.77
C ASN A 239 3.56 15.97 -46.17
N LYS A 240 2.47 16.24 -45.46
CA LYS A 240 2.21 17.56 -44.89
C LYS A 240 1.69 17.41 -43.47
N ALA A 241 2.51 16.80 -42.60
CA ALA A 241 2.03 16.45 -41.27
C ALA A 241 1.64 17.70 -40.46
N GLY A 242 2.44 18.76 -40.57
CA GLY A 242 2.15 19.95 -39.78
C GLY A 242 0.86 20.64 -40.20
N VAL A 243 0.70 20.86 -41.51
CA VAL A 243 -0.52 21.43 -42.05
C VAL A 243 -1.72 20.53 -41.73
N SER A 244 -1.52 19.21 -41.82
CA SER A 244 -2.60 18.27 -41.53
C SER A 244 -3.01 18.37 -40.07
N ASN A 245 -2.03 18.53 -39.18
CA ASN A 245 -2.33 18.68 -37.76
C ASN A 245 -3.14 19.95 -37.52
N LEU A 246 -2.71 21.06 -38.10
CA LEU A 246 -3.44 22.32 -37.98
C LEU A 246 -4.88 22.15 -38.47
N LEU A 247 -5.06 21.43 -39.58
CA LEU A 247 -6.39 21.15 -40.10
C LEU A 247 -7.20 20.28 -39.14
N ASP A 248 -6.57 19.25 -38.57
CA ASP A 248 -7.26 18.40 -37.60
C ASP A 248 -7.67 19.20 -36.37
N ILE A 249 -6.77 20.06 -35.87
CA ILE A 249 -7.10 20.88 -34.71
C ILE A 249 -8.27 21.78 -35.02
N LEU A 250 -8.26 22.41 -36.20
CA LEU A 250 -9.33 23.33 -36.56
C LEU A 250 -10.66 22.60 -36.74
N SER A 251 -10.64 21.44 -37.38
CA SER A 251 -11.86 20.66 -37.53
C SER A 251 -12.39 20.18 -36.18
N ALA A 252 -11.48 19.78 -35.28
CA ALA A 252 -11.92 19.32 -33.96
C ALA A 252 -12.57 20.44 -33.17
N VAL A 253 -12.11 21.68 -33.34
CA VAL A 253 -12.74 22.82 -32.67
C VAL A 253 -14.09 23.15 -33.31
N THR A 254 -14.11 23.38 -34.63
CA THR A 254 -15.28 23.95 -35.27
C THR A 254 -16.32 22.93 -35.69
N GLY A 255 -15.92 21.67 -35.81
CA GLY A 255 -16.79 20.65 -36.36
C GLY A 255 -16.86 20.62 -37.87
N GLN A 256 -16.20 21.56 -38.55
CA GLN A 256 -16.17 21.56 -40.01
C GLN A 256 -15.33 20.40 -40.51
N SER A 257 -15.76 19.79 -41.61
CA SER A 257 -15.06 18.64 -42.14
C SER A 257 -13.73 19.04 -42.75
N ILE A 258 -12.78 18.08 -42.76
CA ILE A 258 -11.52 18.31 -43.46
C ILE A 258 -11.73 18.75 -44.92
N PRO A 259 -12.59 18.09 -45.72
CA PRO A 259 -12.83 18.61 -47.08
C PRO A 259 -13.37 20.03 -47.11
N GLU A 260 -14.27 20.37 -46.20
CA GLU A 260 -14.78 21.74 -46.17
C GLU A 260 -13.68 22.74 -45.89
N LEU A 261 -12.80 22.44 -44.93
CA LEU A 261 -11.71 23.37 -44.64
C LEU A 261 -10.74 23.45 -45.82
N GLU A 262 -10.49 22.33 -46.49
CA GLU A 262 -9.65 22.36 -47.68
C GLU A 262 -10.23 23.30 -48.73
N LYS A 263 -11.55 23.25 -48.92
CA LYS A 263 -12.19 24.18 -49.84
C LYS A 263 -12.10 25.61 -49.33
N GLN A 264 -12.30 25.81 -48.02
CA GLN A 264 -12.29 27.14 -47.42
C GLN A 264 -10.94 27.82 -47.54
N PHE A 265 -9.85 27.04 -47.55
CA PHE A 265 -8.50 27.59 -47.58
C PHE A 265 -7.84 27.46 -48.97
N GLU A 266 -8.62 27.13 -50.01
CA GLU A 266 -8.07 27.13 -51.36
C GLU A 266 -7.48 28.49 -51.70
N GLY A 267 -6.28 28.49 -52.28
CA GLY A 267 -5.62 29.73 -52.60
C GLY A 267 -5.08 30.49 -51.42
N LYS A 268 -5.14 29.91 -50.22
CA LYS A 268 -4.69 30.57 -49.00
C LYS A 268 -3.34 30.02 -48.56
N MET A 269 -2.65 30.81 -47.75
CA MET A 269 -1.34 30.49 -47.22
C MET A 269 -1.47 29.94 -45.81
N TYR A 270 -0.37 29.41 -45.29
CA TYR A 270 -0.40 28.81 -43.97
C TYR A 270 -0.62 29.86 -42.88
N GLY A 271 -0.19 31.10 -43.11
CA GLY A 271 -0.47 32.15 -42.14
C GLY A 271 -1.96 32.33 -41.90
N HIS A 272 -2.76 32.23 -42.96
CA HIS A 272 -4.22 32.31 -42.81
C HIS A 272 -4.73 31.15 -41.96
N LEU A 273 -4.35 29.93 -42.33
CA LEU A 273 -4.73 28.75 -41.56
C LEU A 273 -4.36 28.90 -40.09
N LYS A 274 -3.11 29.28 -39.82
CA LYS A 274 -2.65 29.44 -38.45
C LYS A 274 -3.48 30.48 -37.72
N GLY A 275 -3.78 31.60 -38.39
CA GLY A 275 -4.62 32.61 -37.78
C GLY A 275 -5.98 32.08 -37.38
N GLU A 276 -6.61 31.31 -38.26
CA GLU A 276 -7.90 30.70 -37.94
C GLU A 276 -7.78 29.66 -36.84
N VAL A 277 -6.70 28.87 -36.85
CA VAL A 277 -6.51 27.86 -35.80
C VAL A 277 -6.43 28.54 -34.44
N ALA A 278 -5.58 29.56 -34.33
CA ALA A 278 -5.44 30.25 -33.05
C ALA A 278 -6.76 30.81 -32.57
N ASP A 279 -7.45 31.55 -33.46
CA ASP A 279 -8.75 32.14 -33.10
C ASP A 279 -9.74 31.08 -32.65
N ALA A 280 -9.84 29.98 -33.39
CA ALA A 280 -10.79 28.92 -33.05
C ALA A 280 -10.41 28.27 -31.72
N VAL A 281 -9.13 27.93 -31.55
CA VAL A 281 -8.68 27.34 -30.29
C VAL A 281 -8.98 28.27 -29.12
N SER A 282 -8.61 29.56 -29.24
CA SER A 282 -8.82 30.47 -28.12
C SER A 282 -10.29 30.71 -27.83
N GLY A 283 -11.13 30.71 -28.86
CA GLY A 283 -12.57 30.80 -28.64
C GLY A 283 -13.09 29.62 -27.83
N MET A 284 -12.60 28.41 -28.14
CA MET A 284 -12.99 27.24 -27.38
C MET A 284 -12.53 27.34 -25.94
N LEU A 285 -11.32 27.87 -25.72
CA LEU A 285 -10.73 27.88 -24.39
C LEU A 285 -11.33 28.94 -23.48
N THR A 286 -11.99 29.95 -24.04
CA THR A 286 -12.43 31.07 -23.20
C THR A 286 -13.60 30.67 -22.31
N GLU A 287 -14.57 29.91 -22.82
CA GLU A 287 -15.64 29.46 -21.91
C GLU A 287 -15.08 28.45 -20.91
N LEU A 288 -14.15 27.59 -21.35
CA LEU A 288 -13.50 26.67 -20.42
C LEU A 288 -12.78 27.43 -19.32
N GLN A 289 -12.04 28.47 -19.70
CA GLN A 289 -11.21 29.18 -18.74
C GLN A 289 -12.06 29.99 -17.79
N GLU A 290 -13.17 30.58 -18.28
CA GLU A 290 -14.06 31.30 -17.38
C GLU A 290 -14.61 30.36 -16.31
N ARG A 291 -15.15 29.22 -16.74
CA ARG A 291 -15.64 28.22 -15.78
C ARG A 291 -14.53 27.78 -14.84
N TYR A 292 -13.32 27.56 -15.36
CA TYR A 292 -12.23 27.10 -14.52
C TYR A 292 -11.95 28.10 -13.40
N HIS A 293 -11.62 29.35 -13.75
CA HIS A 293 -11.24 30.30 -12.72
C HIS A 293 -12.36 30.53 -11.74
N ARG A 294 -13.60 30.36 -12.17
CA ARG A 294 -14.73 30.58 -11.28
C ARG A 294 -14.87 29.41 -10.31
N PHE A 295 -14.71 28.16 -10.82
CA PHE A 295 -14.70 27.00 -9.93
C PHE A 295 -13.45 26.97 -9.06
N ARG A 296 -12.28 27.28 -9.64
CA ARG A 296 -11.03 27.09 -8.93
C ARG A 296 -10.94 27.98 -7.71
N ASN A 297 -11.60 29.13 -7.75
CA ASN A 297 -11.53 30.13 -6.70
C ASN A 297 -12.76 30.12 -5.80
N ASP A 298 -13.60 29.10 -5.93
CA ASP A 298 -14.72 28.85 -5.02
C ASP A 298 -14.31 27.66 -4.15
N GLU A 299 -13.60 27.98 -3.06
CA GLU A 299 -13.08 26.92 -2.19
C GLU A 299 -14.19 26.06 -1.60
N ALA A 300 -15.35 26.65 -1.30
CA ALA A 300 -16.40 25.88 -0.67
C ALA A 300 -17.10 24.96 -1.67
N PHE A 301 -17.24 25.42 -2.92
CA PHE A 301 -17.76 24.55 -3.96
C PHE A 301 -16.84 23.35 -4.16
N LEU A 302 -15.52 23.62 -4.26
CA LEU A 302 -14.55 22.52 -4.43
C LEU A 302 -14.59 21.58 -3.25
N GLN A 303 -14.64 22.12 -2.03
CA GLN A 303 -14.73 21.29 -0.84
C GLN A 303 -15.97 20.42 -0.85
N GLN A 304 -17.11 20.98 -1.25
CA GLN A 304 -18.34 20.19 -1.30
C GLN A 304 -18.24 19.09 -2.36
N VAL A 305 -17.66 19.40 -3.50
CA VAL A 305 -17.48 18.39 -4.54
C VAL A 305 -16.62 17.24 -4.03
N MET A 306 -15.49 17.56 -3.40
CA MET A 306 -14.66 16.47 -2.87
C MET A 306 -15.35 15.71 -1.77
N LYS A 307 -16.07 16.40 -0.87
CA LYS A 307 -16.75 15.70 0.22
C LYS A 307 -17.80 14.74 -0.33
N ASP A 308 -18.66 15.24 -1.23
CA ASP A 308 -19.71 14.40 -1.82
C ASP A 308 -19.11 13.26 -2.62
N GLY A 309 -18.06 13.54 -3.40
CA GLY A 309 -17.48 12.50 -4.24
C GLY A 309 -16.82 11.40 -3.42
N ALA A 310 -16.04 11.77 -2.41
CA ALA A 310 -15.42 10.78 -1.54
C ALA A 310 -16.47 9.96 -0.81
N GLU A 311 -17.58 10.60 -0.43
CA GLU A 311 -18.65 9.86 0.24
C GLU A 311 -19.30 8.84 -0.70
N LYS A 312 -19.60 9.25 -1.93
CA LYS A 312 -20.14 8.32 -2.92
C LYS A 312 -19.15 7.19 -3.19
N ALA A 313 -17.91 7.54 -3.47
CA ALA A 313 -16.89 6.52 -3.75
C ALA A 313 -16.75 5.55 -2.59
N SER A 314 -16.62 6.08 -1.36
CA SER A 314 -16.36 5.22 -0.22
C SER A 314 -17.51 4.26 0.02
N ALA A 315 -18.74 4.71 -0.21
CA ALA A 315 -19.89 3.80 -0.07
C ALA A 315 -19.75 2.59 -1.00
N HIS A 316 -19.31 2.82 -2.22
CA HIS A 316 -19.11 1.71 -3.19
C HIS A 316 -17.85 0.92 -2.83
N ALA A 317 -16.75 1.64 -2.61
CA ALA A 317 -15.49 0.97 -2.30
C ALA A 317 -15.61 0.11 -1.05
N SER A 318 -16.32 0.59 -0.03
CA SER A 318 -16.39 -0.18 1.21
C SER A 318 -17.16 -1.49 1.01
N ARG A 319 -18.14 -1.49 0.09
CA ARG A 319 -18.85 -2.71 -0.22
C ARG A 319 -17.89 -3.75 -0.80
N THR A 320 -17.10 -3.36 -1.79
CA THR A 320 -16.12 -4.29 -2.37
C THR A 320 -15.08 -4.72 -1.36
N LEU A 321 -14.51 -3.76 -0.61
CA LEU A 321 -13.46 -4.12 0.34
C LEU A 321 -13.97 -5.12 1.36
N LYS A 322 -15.20 -4.93 1.83
CA LYS A 322 -15.70 -5.81 2.86
C LYS A 322 -15.86 -7.23 2.30
N ALA A 323 -16.30 -7.35 1.03
CA ALA A 323 -16.37 -8.66 0.40
C ALA A 323 -14.99 -9.27 0.23
N VAL A 324 -13.99 -8.44 -0.10
CA VAL A 324 -12.60 -8.91 -0.20
C VAL A 324 -12.11 -9.40 1.17
N TYR A 325 -12.30 -8.57 2.19
CA TYR A 325 -11.85 -8.92 3.53
C TYR A 325 -12.56 -10.17 4.02
N GLU A 326 -13.88 -10.26 3.78
CA GLU A 326 -14.60 -11.48 4.16
C GLU A 326 -14.00 -12.71 3.47
N ALA A 327 -13.65 -12.58 2.18
CA ALA A 327 -13.14 -13.72 1.43
C ALA A 327 -11.75 -14.13 1.91
N ILE A 328 -10.90 -13.15 2.20
CA ILE A 328 -9.58 -13.46 2.74
C ILE A 328 -9.70 -14.12 4.11
N GLY A 329 -10.70 -13.74 4.89
CA GLY A 329 -10.91 -14.33 6.19
C GLY A 329 -10.57 -13.40 7.35
N PHE A 330 -10.29 -12.13 7.08
CA PHE A 330 -10.05 -11.18 8.17
C PHE A 330 -11.25 -11.12 9.10
N VAL A 331 -10.97 -11.02 10.41
CA VAL A 331 -12.04 -10.70 11.35
C VAL A 331 -12.62 -9.34 11.00
N ALA A 332 -13.94 -9.26 10.89
CA ALA A 332 -14.60 -8.01 10.53
C ALA A 332 -14.41 -6.96 11.62
N LYS A 333 -14.17 -5.71 11.20
CA LYS A 333 -14.02 -4.61 12.14
C LYS A 333 -15.26 -4.47 13.02
N ARG A 334 -15.04 -4.03 14.25
CA ARG A 334 -16.11 -3.78 15.20
C ARG A 334 -16.30 -2.27 15.29
N HIS A 335 -17.45 -1.79 14.85
CA HIS A 335 -17.72 -0.35 14.76
C HIS A 335 -18.21 0.22 16.09
N THR B 2 2.76 12.50 29.22
CA THR B 2 2.40 11.25 28.54
C THR B 2 3.62 10.32 28.56
N LYS B 3 3.36 9.03 28.71
CA LYS B 3 4.43 8.04 28.70
C LYS B 3 4.98 7.84 27.28
N PRO B 4 6.23 7.39 27.17
CA PRO B 4 6.71 6.89 25.88
C PRO B 4 5.85 5.73 25.41
N ILE B 5 5.83 5.54 24.11
CA ILE B 5 4.90 4.60 23.47
C ILE B 5 5.66 3.36 23.03
N VAL B 6 5.09 2.20 23.35
CA VAL B 6 5.54 0.89 22.91
C VAL B 6 4.55 0.39 21.87
N PHE B 7 5.06 -0.15 20.77
CA PHE B 7 4.24 -0.82 19.76
C PHE B 7 4.88 -2.13 19.35
N SER B 8 4.09 -3.19 19.22
CA SER B 8 4.65 -4.35 18.56
C SER B 8 3.49 -5.22 18.06
N GLY B 9 3.81 -6.10 17.12
CA GLY B 9 2.79 -6.95 16.52
C GLY B 9 3.24 -8.39 16.41
N ALA B 10 2.26 -9.27 16.20
CA ALA B 10 2.54 -10.67 15.92
C ALA B 10 1.50 -11.16 14.92
N GLN B 11 1.92 -12.09 14.05
CA GLN B 11 1.08 -12.53 12.94
C GLN B 11 0.09 -13.60 13.39
N PRO B 12 -1.18 -13.49 13.04
CA PRO B 12 -2.13 -14.60 13.24
C PRO B 12 -1.99 -15.66 12.16
N SER B 13 -0.80 -16.24 12.09
CA SER B 13 -0.54 -17.36 11.19
C SER B 13 0.38 -18.30 11.92
N GLY B 14 0.42 -19.56 11.46
CA GLY B 14 1.19 -20.49 12.26
C GLY B 14 0.62 -20.59 13.68
N GLU B 15 1.45 -21.10 14.58
CA GLU B 15 1.07 -21.24 15.98
C GLU B 15 2.19 -20.67 16.83
N LEU B 16 1.88 -19.61 17.59
CA LEU B 16 2.90 -18.89 18.33
C LEU B 16 3.65 -19.87 19.25
N THR B 17 4.96 -19.71 19.34
CA THR B 17 5.82 -20.64 20.03
C THR B 17 6.42 -20.00 21.28
N ILE B 18 7.15 -20.81 22.06
CA ILE B 18 7.85 -20.23 23.20
C ILE B 18 8.90 -19.24 22.68
N GLY B 19 9.32 -19.37 21.42
CA GLY B 19 10.20 -18.39 20.85
C GLY B 19 9.53 -17.05 20.71
N ASN B 20 8.32 -17.03 20.14
CA ASN B 20 7.57 -15.78 20.05
C ASN B 20 7.33 -15.19 21.43
N TYR B 21 7.06 -16.04 22.41
CA TYR B 21 6.82 -15.56 23.77
C TYR B 21 8.05 -14.86 24.33
N MET B 22 9.18 -15.56 24.39
CA MET B 22 10.34 -15.00 25.06
C MET B 22 10.93 -13.83 24.29
N GLY B 23 10.90 -13.89 22.96
CA GLY B 23 11.47 -12.82 22.18
C GLY B 23 10.62 -11.57 22.15
N ALA B 24 9.33 -11.71 22.47
CA ALA B 24 8.40 -10.60 22.27
C ALA B 24 7.36 -10.50 23.38
N LEU B 25 6.44 -11.47 23.43
CA LEU B 25 5.25 -11.32 24.28
C LEU B 25 5.62 -11.12 25.74
N ARG B 26 6.66 -11.79 26.22
CA ARG B 26 7.08 -11.61 27.61
C ARG B 26 7.44 -10.15 27.87
N GLN B 27 8.17 -9.54 26.93
CA GLN B 27 8.50 -8.13 27.10
C GLN B 27 7.24 -7.28 27.04
N TRP B 28 6.34 -7.61 26.10
CA TRP B 28 5.10 -6.87 25.98
C TRP B 28 4.38 -6.80 27.31
N VAL B 29 4.29 -7.94 28.00
CA VAL B 29 3.54 -8.00 29.24
C VAL B 29 4.24 -7.16 30.30
N ASN B 30 5.56 -7.20 30.31
CA ASN B 30 6.33 -6.53 31.39
C ASN B 30 6.35 -5.01 31.22
N MET B 31 6.10 -4.52 30.01
CA MET B 31 6.21 -3.08 29.75
C MET B 31 4.92 -2.30 29.93
N GLN B 32 3.81 -2.95 30.29
CA GLN B 32 2.49 -2.31 30.22
C GLN B 32 2.30 -1.13 31.19
N ASP B 33 2.92 -1.16 32.36
CA ASP B 33 2.76 0.00 33.23
C ASP B 33 3.82 1.06 32.94
N ASP B 34 5.04 0.61 32.66
CA ASP B 34 6.16 1.53 32.47
C ASP B 34 5.96 2.42 31.26
N TYR B 35 5.30 1.91 30.22
CA TYR B 35 5.13 2.64 28.98
C TYR B 35 3.68 2.52 28.52
N HIS B 36 3.30 3.36 27.55
CA HIS B 36 1.98 3.30 26.93
C HIS B 36 2.07 2.30 25.79
N CYS B 37 1.49 1.12 25.98
CA CYS B 37 1.75 -0.02 25.10
C CYS B 37 0.59 -0.24 24.16
N ILE B 38 0.92 -0.53 22.92
CA ILE B 38 -0.04 -0.79 21.86
C ILE B 38 0.42 -2.06 21.17
N TYR B 39 -0.45 -3.08 21.16
CA TYR B 39 -0.11 -4.40 20.62
C TYR B 39 -1.11 -4.77 19.55
N CYS B 40 -0.59 -5.32 18.46
CA CYS B 40 -1.34 -5.48 17.23
C CYS B 40 -1.29 -6.93 16.77
N ILE B 41 -2.43 -7.43 16.30
CA ILE B 41 -2.48 -8.71 15.59
C ILE B 41 -2.40 -8.38 14.10
N VAL B 42 -1.27 -8.68 13.46
CA VAL B 42 -0.99 -8.09 12.13
C VAL B 42 -1.50 -9.07 11.08
N ASP B 43 -2.83 -9.08 10.91
CA ASP B 43 -3.40 -10.00 9.92
C ASP B 43 -3.02 -9.62 8.49
N GLN B 44 -2.81 -8.33 8.22
CA GLN B 44 -2.40 -7.94 6.87
C GLN B 44 -1.00 -8.44 6.53
N HIS B 45 -0.11 -8.51 7.53
CA HIS B 45 1.19 -9.14 7.31
C HIS B 45 1.07 -10.64 7.15
N ALA B 46 0.14 -11.28 7.87
CA ALA B 46 0.07 -12.73 7.85
C ALA B 46 -0.23 -13.23 6.45
N ILE B 47 -1.00 -12.46 5.67
CA ILE B 47 -1.45 -12.94 4.35
C ILE B 47 -0.39 -12.80 3.28
N THR B 48 0.82 -12.32 3.61
CA THR B 48 1.95 -12.41 2.70
C THR B 48 2.39 -13.85 2.51
N VAL B 49 1.96 -14.75 3.38
CA VAL B 49 2.00 -16.18 3.15
C VAL B 49 0.57 -16.65 3.01
N ARG B 50 0.27 -17.43 1.97
CA ARG B 50 -1.11 -17.76 1.67
C ARG B 50 -1.78 -18.49 2.83
N GLN B 51 -2.89 -17.95 3.29
CA GLN B 51 -3.64 -18.51 4.40
C GLN B 51 -4.98 -19.04 3.92
N ASP B 52 -5.41 -20.15 4.51
CA ASP B 52 -6.80 -20.57 4.45
C ASP B 52 -7.68 -19.56 5.18
N ALA B 53 -8.82 -19.22 4.59
CA ALA B 53 -9.62 -18.12 5.16
C ALA B 53 -10.16 -18.46 6.55
N GLN B 54 -10.61 -19.70 6.76
CA GLN B 54 -11.11 -20.06 8.09
C GLN B 54 -9.97 -20.15 9.09
N LYS B 55 -8.82 -20.67 8.68
CA LYS B 55 -7.68 -20.72 9.60
C LYS B 55 -7.25 -19.32 10.00
N LEU B 56 -7.25 -18.38 9.04
CA LEU B 56 -6.83 -17.00 9.33
C LEU B 56 -7.77 -16.34 10.34
N ARG B 57 -9.08 -16.49 10.14
CA ARG B 57 -10.01 -15.87 11.07
C ARG B 57 -9.87 -16.49 12.46
N LYS B 58 -9.82 -17.82 12.52
CA LYS B 58 -9.63 -18.47 13.81
C LYS B 58 -8.31 -18.06 14.45
N ALA B 59 -7.24 -18.02 13.67
CA ALA B 59 -5.92 -17.69 14.21
C ALA B 59 -5.87 -16.26 14.72
N THR B 60 -6.64 -15.36 14.09
CA THR B 60 -6.66 -13.98 14.60
C THR B 60 -7.25 -13.94 15.99
N LEU B 61 -8.34 -14.68 16.19
CA LEU B 61 -8.96 -14.75 17.50
C LEU B 61 -8.12 -15.58 18.47
N ASP B 62 -7.48 -16.64 17.98
CA ASP B 62 -6.55 -17.38 18.83
C ASP B 62 -5.46 -16.45 19.36
N THR B 63 -4.86 -15.67 18.47
CA THR B 63 -3.75 -14.80 18.86
C THR B 63 -4.19 -13.76 19.88
N LEU B 64 -5.35 -13.15 19.65
CA LEU B 64 -5.88 -12.19 20.62
C LEU B 64 -6.04 -12.83 22.00
N ALA B 65 -6.63 -14.03 22.04
CA ALA B 65 -6.78 -14.72 23.32
C ALA B 65 -5.42 -15.07 23.94
N LEU B 66 -4.43 -15.38 23.13
CA LEU B 66 -3.08 -15.65 23.68
C LEU B 66 -2.49 -14.37 24.29
N TYR B 67 -2.65 -13.23 23.61
CA TYR B 67 -2.19 -11.98 24.21
C TYR B 67 -2.77 -11.82 25.61
N LEU B 68 -4.09 -12.01 25.72
CA LEU B 68 -4.76 -11.84 27.00
C LEU B 68 -4.27 -12.87 28.00
N ALA B 69 -4.17 -14.13 27.55
CA ALA B 69 -3.69 -15.19 28.42
C ALA B 69 -2.28 -14.91 28.92
N CYS B 70 -1.42 -14.32 28.07
CA CYS B 70 -0.07 -13.98 28.49
C CYS B 70 -0.04 -12.90 29.55
N GLY B 71 -1.12 -12.15 29.71
CA GLY B 71 -1.16 -11.06 30.66
C GLY B 71 -1.25 -9.68 30.03
N ILE B 72 -1.40 -9.58 28.71
CA ILE B 72 -1.70 -8.29 28.10
C ILE B 72 -3.09 -7.89 28.53
N ASP B 73 -3.19 -6.73 29.17
CA ASP B 73 -4.36 -6.29 29.89
C ASP B 73 -5.01 -5.18 29.09
N PRO B 74 -6.25 -5.38 28.61
CA PRO B 74 -6.88 -4.36 27.77
C PRO B 74 -7.23 -3.09 28.52
N GLU B 75 -7.17 -3.09 29.85
CA GLU B 75 -7.33 -1.86 30.60
C GLU B 75 -6.03 -1.08 30.71
N LYS B 76 -4.90 -1.68 30.36
CA LYS B 76 -3.60 -1.03 30.37
C LYS B 76 -3.04 -0.76 28.99
N SER B 77 -3.21 -1.71 28.07
CA SER B 77 -2.64 -1.65 26.73
C SER B 77 -3.75 -1.55 25.69
N THR B 78 -3.40 -1.00 24.53
CA THR B 78 -4.29 -1.03 23.38
C THR B 78 -4.01 -2.30 22.59
N ILE B 79 -5.05 -3.09 22.34
CA ILE B 79 -4.92 -4.35 21.60
C ILE B 79 -5.87 -4.28 20.43
N PHE B 80 -5.36 -4.50 19.23
CA PHE B 80 -6.23 -4.36 18.06
C PHE B 80 -5.71 -5.20 16.91
N VAL B 81 -6.62 -5.42 15.96
CA VAL B 81 -6.34 -6.16 14.75
C VAL B 81 -5.97 -5.15 13.67
N GLN B 82 -4.85 -5.41 13.02
CA GLN B 82 -4.25 -4.46 12.07
C GLN B 82 -5.25 -4.02 10.99
N SER B 83 -5.94 -4.98 10.36
CA SER B 83 -6.85 -4.63 9.26
C SER B 83 -8.01 -3.77 9.73
N HIS B 84 -8.26 -3.68 11.03
CA HIS B 84 -9.33 -2.82 11.54
C HIS B 84 -8.99 -1.35 11.49
N VAL B 85 -7.75 -0.99 11.21
CA VAL B 85 -7.32 0.40 11.23
C VAL B 85 -6.76 0.73 9.85
N PRO B 86 -7.54 1.42 9.01
CA PRO B 86 -7.11 1.64 7.62
C PRO B 86 -5.81 2.39 7.51
N GLU B 87 -5.51 3.23 8.50
CA GLU B 87 -4.32 4.07 8.44
C GLU B 87 -3.05 3.25 8.24
N HIS B 88 -3.04 2.00 8.67
CA HIS B 88 -1.86 1.17 8.44
C HIS B 88 -1.59 0.99 6.96
N ALA B 89 -2.63 0.61 6.20
CA ALA B 89 -2.45 0.49 4.75
C ALA B 89 -2.19 1.86 4.11
N GLN B 90 -2.86 2.90 4.60
CA GLN B 90 -2.67 4.22 4.01
C GLN B 90 -1.25 4.70 4.17
N LEU B 91 -0.72 4.65 5.40
CA LEU B 91 0.65 5.10 5.59
C LEU B 91 1.63 4.18 4.88
N GLY B 92 1.33 2.87 4.89
CA GLY B 92 2.15 1.93 4.17
C GLY B 92 2.37 2.32 2.71
N TRP B 93 1.30 2.72 2.01
CA TRP B 93 1.48 3.14 0.62
C TRP B 93 2.37 4.37 0.55
N ALA B 94 2.09 5.36 1.38
CA ALA B 94 2.90 6.58 1.35
C ALA B 94 4.36 6.27 1.64
N LEU B 95 4.62 5.38 2.60
CA LEU B 95 6.02 5.10 2.94
C LEU B 95 6.70 4.28 1.87
N ASN B 96 5.95 3.56 1.02
CA ASN B 96 6.54 2.95 -0.16
C ASN B 96 7.37 3.94 -0.96
N CYS B 97 6.90 5.18 -1.04
CA CYS B 97 7.56 6.17 -1.86
C CYS B 97 8.80 6.76 -1.20
N TYR B 98 9.07 6.39 0.04
CA TYR B 98 10.25 6.84 0.77
C TYR B 98 11.15 5.67 1.14
N THR B 99 10.92 4.53 0.51
CA THR B 99 11.67 3.31 0.70
C THR B 99 12.24 2.89 -0.64
N TYR B 100 13.47 2.42 -0.63
CA TYR B 100 14.12 2.08 -1.89
C TYR B 100 14.08 0.59 -2.14
N PHE B 101 13.99 0.22 -3.42
CA PHE B 101 13.89 -1.16 -3.82
C PHE B 101 15.01 -2.00 -3.21
N GLY B 102 16.24 -1.46 -3.20
CA GLY B 102 17.36 -2.22 -2.67
C GLY B 102 17.28 -2.45 -1.18
N GLU B 103 16.71 -1.52 -0.44
CA GLU B 103 16.48 -1.73 0.98
C GLU B 103 15.55 -2.91 1.22
N LEU B 104 14.66 -3.18 0.28
CA LEU B 104 13.70 -4.28 0.43
C LEU B 104 14.23 -5.59 -0.11
N SER B 105 14.94 -5.57 -1.24
CA SER B 105 15.45 -6.81 -1.81
C SER B 105 16.53 -7.45 -0.96
N ARG B 106 17.19 -6.68 -0.08
CA ARG B 106 18.24 -7.20 0.77
C ARG B 106 17.74 -7.81 2.08
N MET B 107 16.44 -7.71 2.37
CA MET B 107 15.86 -8.25 3.60
C MET B 107 16.01 -9.77 3.70
N THR B 108 16.56 -10.22 4.83
CA THR B 108 16.71 -11.64 5.11
C THR B 108 15.36 -12.35 5.15
N GLN B 109 14.34 -11.73 5.74
CA GLN B 109 13.04 -12.40 5.82
C GLN B 109 12.48 -12.63 4.42
N PHE B 110 12.55 -11.62 3.56
CA PHE B 110 12.04 -11.81 2.19
C PHE B 110 12.78 -12.96 1.49
N LYS B 111 14.10 -13.04 1.70
CA LYS B 111 14.89 -14.09 1.06
C LYS B 111 14.52 -15.46 1.60
N ASP B 112 14.45 -15.61 2.93
CA ASP B 112 14.09 -16.88 3.54
C ASP B 112 12.67 -17.30 3.18
N LYS B 113 11.72 -16.35 3.25
CA LYS B 113 10.33 -16.69 2.94
C LYS B 113 10.19 -17.03 1.46
N SER B 114 10.89 -16.30 0.58
CA SER B 114 10.82 -16.59 -0.85
C SER B 114 11.33 -17.99 -1.16
N ALA B 115 12.40 -18.41 -0.47
CA ALA B 115 12.92 -19.76 -0.71
C ALA B 115 11.96 -20.81 -0.22
N ARG B 116 11.20 -20.51 0.84
CA ARG B 116 10.25 -21.48 1.37
C ARG B 116 8.99 -21.55 0.52
N TYR B 117 8.56 -20.41 -0.01
CA TYR B 117 7.33 -20.33 -0.78
C TYR B 117 7.61 -19.86 -2.20
N ALA B 118 8.36 -20.64 -2.97
CA ALA B 118 8.79 -20.22 -4.33
C ALA B 118 7.59 -20.04 -5.25
N GLU B 119 6.49 -20.66 -4.90
CA GLU B 119 5.26 -20.60 -5.71
C GLU B 119 4.44 -19.35 -5.39
N ASN B 120 4.83 -18.61 -4.34
CA ASN B 120 4.06 -17.41 -3.93
C ASN B 120 5.00 -16.31 -3.47
N ILE B 121 5.96 -15.96 -4.32
CA ILE B 121 6.83 -14.79 -4.03
C ILE B 121 5.99 -13.59 -4.46
N ASN B 122 5.23 -13.06 -3.52
CA ASN B 122 4.28 -12.02 -3.86
C ASN B 122 4.80 -10.65 -3.44
N ALA B 123 4.16 -9.62 -4.02
CA ALA B 123 4.59 -8.25 -3.75
C ALA B 123 4.38 -7.87 -2.29
N GLY B 124 3.37 -8.47 -1.63
CA GLY B 124 3.18 -8.23 -0.21
C GLY B 124 4.38 -8.70 0.61
N LEU B 125 4.86 -9.91 0.31
CA LEU B 125 6.06 -10.43 0.97
C LEU B 125 7.27 -9.51 0.77
N PHE B 126 7.43 -8.98 -0.45
CA PHE B 126 8.51 -8.04 -0.73
C PHE B 126 8.34 -6.73 0.05
N ASP B 127 7.14 -6.20 0.03
CA ASP B 127 6.78 -4.92 0.62
C ASP B 127 6.55 -5.01 2.12
N TYR B 128 6.60 -6.22 2.70
CA TYR B 128 6.43 -6.46 4.14
C TYR B 128 7.06 -5.39 5.03
N PRO B 129 8.34 -5.01 4.86
CA PRO B 129 8.93 -4.06 5.81
C PRO B 129 8.31 -2.67 5.74
N VAL B 130 7.72 -2.28 4.62
CA VAL B 130 7.13 -0.94 4.54
C VAL B 130 5.86 -0.87 5.37
N LEU B 131 4.98 -1.87 5.21
CA LEU B 131 3.79 -1.93 6.07
C LEU B 131 4.18 -1.97 7.54
N MET B 132 5.24 -2.71 7.87
CA MET B 132 5.71 -2.78 9.25
C MET B 132 6.21 -1.43 9.76
N ALA B 133 6.98 -0.70 8.95
CA ALA B 133 7.34 0.67 9.33
C ALA B 133 6.09 1.52 9.53
N ALA B 134 5.06 1.34 8.69
CA ALA B 134 3.83 2.11 8.89
C ALA B 134 3.19 1.77 10.22
N ASP B 135 3.12 0.47 10.55
CA ASP B 135 2.58 0.02 11.84
C ASP B 135 3.23 0.75 12.99
N ILE B 136 4.54 0.87 12.95
CA ILE B 136 5.29 1.48 14.06
C ILE B 136 5.12 3.00 14.06
N LEU B 137 5.36 3.61 12.90
CA LEU B 137 5.42 5.07 12.85
C LEU B 137 4.07 5.73 13.07
N LEU B 138 2.96 5.03 12.79
CA LEU B 138 1.65 5.62 13.05
C LEU B 138 1.47 6.06 14.50
N TYR B 139 2.11 5.38 15.45
CA TYR B 139 1.81 5.57 16.87
C TYR B 139 2.84 6.41 17.60
N GLN B 140 3.71 7.12 16.87
CA GLN B 140 4.76 7.92 17.53
C GLN B 140 5.55 7.03 18.48
N THR B 141 5.87 5.84 17.98
CA THR B 141 6.39 4.78 18.83
C THR B 141 7.83 5.06 19.22
N ASN B 142 8.12 4.91 20.51
CA ASN B 142 9.49 5.04 20.98
C ASN B 142 10.22 3.71 21.08
N LEU B 143 9.54 2.63 21.46
CA LEU B 143 10.15 1.34 21.74
C LEU B 143 9.36 0.25 21.02
N VAL B 144 10.08 -0.67 20.38
CA VAL B 144 9.47 -1.78 19.63
C VAL B 144 10.05 -3.08 20.16
N PRO B 145 9.35 -3.78 21.03
CA PRO B 145 9.87 -5.05 21.57
C PRO B 145 9.69 -6.18 20.57
N VAL B 146 10.79 -6.71 20.06
CA VAL B 146 10.78 -7.78 19.07
C VAL B 146 11.93 -8.74 19.36
N GLY B 147 11.87 -9.90 18.70
CA GLY B 147 12.99 -10.82 18.70
C GLY B 147 14.09 -10.37 17.76
N GLU B 148 15.23 -11.06 17.82
CA GLU B 148 16.38 -10.63 17.04
C GLU B 148 16.08 -10.67 15.54
N ASP B 149 15.20 -11.57 15.10
CA ASP B 149 14.97 -11.75 13.68
C ASP B 149 14.31 -10.53 13.04
N GLN B 150 13.69 -9.65 13.82
CA GLN B 150 13.03 -8.47 13.28
C GLN B 150 13.91 -7.22 13.34
N LYS B 151 15.15 -7.37 13.74
CA LYS B 151 16.02 -6.22 13.92
C LYS B 151 16.26 -5.51 12.59
N GLN B 152 16.48 -6.27 11.53
CA GLN B 152 16.72 -5.66 10.24
C GLN B 152 15.49 -4.85 9.79
N HIS B 153 14.30 -5.42 9.97
CA HIS B 153 13.07 -4.69 9.65
C HIS B 153 12.97 -3.41 10.48
N LEU B 154 13.28 -3.50 11.76
CA LEU B 154 13.19 -2.32 12.62
C LEU B 154 14.18 -1.25 12.19
N GLU B 155 15.39 -1.65 11.82
CA GLU B 155 16.37 -0.69 11.36
C GLU B 155 15.88 0.06 10.13
N LEU B 156 15.19 -0.62 9.22
CA LEU B 156 14.62 0.07 8.08
C LEU B 156 13.58 1.08 8.52
N SER B 157 12.74 0.74 9.52
CA SER B 157 11.71 1.70 9.93
C SER B 157 12.37 2.96 10.49
N ARG B 158 13.51 2.82 11.16
CA ARG B 158 14.26 3.99 11.60
C ARG B 158 14.79 4.81 10.44
N ASP B 159 15.36 4.13 9.44
CA ASP B 159 15.83 4.82 8.24
C ASP B 159 14.70 5.57 7.56
N ILE B 160 13.54 4.94 7.45
CA ILE B 160 12.41 5.59 6.81
C ILE B 160 11.97 6.79 7.61
N ALA B 161 11.85 6.63 8.94
CA ALA B 161 11.42 7.73 9.78
C ALA B 161 12.39 8.90 9.69
N GLN B 162 13.69 8.60 9.65
CA GLN B 162 14.69 9.68 9.57
C GLN B 162 14.64 10.36 8.21
N ARG B 163 14.51 9.57 7.14
CA ARG B 163 14.39 10.11 5.79
C ARG B 163 13.19 11.06 5.67
N PHE B 164 12.02 10.60 6.11
CA PHE B 164 10.82 11.43 6.06
C PHE B 164 10.97 12.68 6.90
N ASN B 165 11.43 12.52 8.15
CA ASN B 165 11.57 13.67 9.01
C ASN B 165 12.54 14.69 8.45
N ALA B 166 13.60 14.24 7.76
CA ALA B 166 14.58 15.15 7.22
C ALA B 166 13.99 16.05 6.16
N LEU B 167 12.97 15.56 5.44
CA LEU B 167 12.30 16.33 4.41
C LEU B 167 11.19 17.21 4.97
N TYR B 168 10.44 16.71 5.96
CA TYR B 168 9.16 17.29 6.32
C TYR B 168 9.02 17.81 7.74
N GLY B 169 9.96 17.53 8.63
CA GLY B 169 9.87 17.98 10.01
C GLY B 169 9.71 16.81 10.96
N GLU B 170 9.29 17.12 12.18
CA GLU B 170 9.24 16.07 13.21
C GLU B 170 7.90 15.32 13.15
N ILE B 171 7.68 14.66 12.01
CA ILE B 171 6.41 13.96 11.82
C ILE B 171 6.41 12.65 12.58
N PHE B 172 7.53 11.93 12.58
CA PHE B 172 7.62 10.63 13.21
C PHE B 172 8.61 10.66 14.37
N LYS B 173 8.42 9.75 15.32
CA LYS B 173 9.46 9.45 16.27
C LYS B 173 10.37 8.38 15.68
N VAL B 174 11.66 8.48 15.98
CA VAL B 174 12.56 7.41 15.55
C VAL B 174 12.49 6.30 16.59
N PRO B 175 11.99 5.14 16.19
CA PRO B 175 11.80 4.06 17.17
C PRO B 175 13.14 3.39 17.48
N GLU B 176 13.17 2.76 18.65
CA GLU B 176 14.34 2.01 19.03
C GLU B 176 13.96 0.57 19.31
N PRO B 177 14.80 -0.41 18.95
CA PRO B 177 14.50 -1.80 19.26
C PRO B 177 14.62 -2.07 20.75
N PHE B 178 13.71 -2.91 21.26
CA PHE B 178 13.80 -3.46 22.60
C PHE B 178 13.84 -4.99 22.45
N ILE B 179 15.05 -5.53 22.47
CA ILE B 179 15.30 -6.94 22.21
C ILE B 179 15.87 -7.55 23.48
N PRO B 180 15.30 -8.63 24.01
CA PRO B 180 15.70 -9.11 25.33
C PRO B 180 17.10 -9.73 25.31
N LYS B 181 17.64 -9.87 26.51
CA LYS B 181 18.96 -10.48 26.65
C LYS B 181 18.89 -12.00 26.62
N SER B 182 17.82 -12.58 27.13
CA SER B 182 17.54 -14.00 26.98
C SER B 182 16.37 -14.19 26.02
N GLY B 183 16.39 -15.30 25.30
CA GLY B 183 15.25 -15.68 24.49
C GLY B 183 14.95 -14.80 23.29
N ALA B 184 15.88 -13.94 22.87
CA ALA B 184 15.65 -13.13 21.66
C ALA B 184 15.68 -13.97 20.40
N ARG B 185 16.24 -15.18 20.44
CA ARG B 185 16.32 -16.04 19.26
C ARG B 185 16.32 -17.52 19.69
N VAL B 186 15.16 -17.99 20.15
CA VAL B 186 15.03 -19.38 20.58
C VAL B 186 15.15 -20.27 19.35
N MET B 187 15.94 -21.33 19.45
CA MET B 187 16.29 -22.20 18.33
C MET B 187 15.43 -23.46 18.28
N SER B 188 15.47 -24.12 17.12
CA SER B 188 14.69 -25.33 16.92
C SER B 188 15.27 -26.50 17.72
N LEU B 189 14.38 -27.35 18.23
CA LEU B 189 14.82 -28.38 19.17
C LEU B 189 15.63 -29.47 18.51
N LEU B 190 15.37 -29.77 17.24
CA LEU B 190 16.12 -30.80 16.52
C LEU B 190 17.13 -30.21 15.55
N GLU B 191 17.15 -28.89 15.40
CA GLU B 191 18.10 -28.23 14.50
C GLU B 191 18.47 -26.90 15.14
N PRO B 192 19.29 -26.95 16.19
CA PRO B 192 19.50 -25.75 17.04
C PRO B 192 20.27 -24.64 16.35
N THR B 193 20.72 -24.83 15.13
CA THR B 193 21.24 -23.72 14.34
C THR B 193 20.13 -22.98 13.60
N LYS B 194 18.88 -23.47 13.67
CA LYS B 194 17.73 -22.87 13.01
C LYS B 194 16.82 -22.21 14.05
N LYS B 195 16.45 -20.93 13.79
CA LYS B 195 15.46 -20.24 14.61
C LYS B 195 14.23 -21.13 14.77
N MET B 196 13.62 -21.09 15.94
CA MET B 196 12.38 -21.84 16.10
C MET B 196 11.26 -21.10 15.36
N SER B 197 10.56 -21.83 14.49
CA SER B 197 9.57 -21.29 13.57
C SER B 197 8.17 -21.55 14.08
N LYS B 198 7.26 -20.60 13.88
CA LYS B 198 5.89 -20.89 14.26
C LYS B 198 5.13 -21.62 13.15
N SER B 199 5.81 -21.95 12.05
CA SER B 199 5.18 -22.64 10.93
C SER B 199 6.06 -23.79 10.45
N ASP B 200 6.76 -24.45 11.37
CA ASP B 200 7.68 -25.49 10.99
C ASP B 200 6.92 -26.73 10.51
N ASP B 201 7.41 -27.32 9.42
CA ASP B 201 6.81 -28.56 8.94
C ASP B 201 7.03 -29.69 9.93
N ASN B 202 8.12 -29.64 10.67
CA ASN B 202 8.45 -30.64 11.69
C ASN B 202 8.07 -30.06 13.05
N ARG B 203 6.92 -30.48 13.56
CA ARG B 203 6.46 -29.98 14.85
C ARG B 203 7.41 -30.35 15.99
N ASN B 204 8.27 -31.37 15.80
CA ASN B 204 9.19 -31.72 16.86
C ASN B 204 10.27 -30.67 17.08
N ASN B 205 10.36 -29.68 16.20
CA ASN B 205 11.28 -28.58 16.41
C ASN B 205 10.75 -27.52 17.38
N VAL B 206 9.44 -27.52 17.66
CA VAL B 206 8.81 -26.33 18.23
C VAL B 206 8.21 -26.67 19.58
N ILE B 207 8.14 -25.65 20.43
CA ILE B 207 7.31 -25.65 21.62
C ILE B 207 6.19 -24.64 21.35
N GLY B 208 5.00 -25.14 21.05
CA GLY B 208 3.88 -24.26 20.81
C GLY B 208 3.25 -23.81 22.12
N LEU B 209 2.82 -22.55 22.14
CA LEU B 209 2.22 -22.01 23.36
C LEU B 209 0.91 -22.71 23.69
N LEU B 210 0.23 -23.27 22.70
CA LEU B 210 -1.05 -23.94 22.91
C LEU B 210 -0.93 -25.45 22.84
N GLU B 211 0.28 -25.98 22.71
CA GLU B 211 0.47 -27.42 22.60
C GLU B 211 0.25 -28.12 23.94
N ASP B 212 -0.24 -29.35 23.85
CA ASP B 212 -0.36 -30.23 25.01
C ASP B 212 0.95 -30.24 25.79
N PRO B 213 0.95 -29.84 27.06
CA PRO B 213 2.23 -29.84 27.81
C PRO B 213 2.93 -31.17 27.83
N LYS B 214 2.20 -32.30 27.92
CA LYS B 214 2.86 -33.60 27.86
C LYS B 214 3.60 -33.80 26.54
N SER B 215 2.99 -33.34 25.44
CA SER B 215 3.66 -33.42 24.14
C SER B 215 4.93 -32.58 24.13
N VAL B 216 4.89 -31.41 24.79
CA VAL B 216 6.05 -30.53 24.84
C VAL B 216 7.19 -31.17 25.63
N VAL B 217 6.86 -31.79 26.77
CA VAL B 217 7.89 -32.41 27.61
C VAL B 217 8.61 -33.51 26.84
N LYS B 218 7.88 -34.29 26.03
CA LYS B 218 8.52 -35.32 25.21
C LYS B 218 9.48 -34.69 24.20
N LYS B 219 9.06 -33.61 23.55
CA LYS B 219 9.94 -32.93 22.59
C LYS B 219 11.18 -32.39 23.27
N ILE B 220 11.04 -31.92 24.50
CA ILE B 220 12.21 -31.39 25.21
C ILE B 220 13.22 -32.52 25.47
N LYS B 221 12.75 -33.69 25.85
CA LYS B 221 13.70 -34.79 26.18
C LYS B 221 14.43 -35.28 24.92
N ARG B 222 13.88 -35.01 23.74
CA ARG B 222 14.45 -35.51 22.47
C ARG B 222 15.21 -34.38 21.78
N ALA B 223 15.23 -33.22 22.40
CA ALA B 223 16.01 -32.11 21.82
C ALA B 223 17.47 -32.52 21.68
N VAL B 224 18.11 -32.14 20.56
CA VAL B 224 19.48 -32.59 20.37
C VAL B 224 20.40 -31.80 21.28
N THR B 225 21.48 -32.45 21.73
CA THR B 225 22.47 -31.81 22.59
C THR B 225 23.80 -31.93 21.84
N ASP B 226 24.77 -32.65 22.38
CA ASP B 226 26.08 -32.76 21.75
C ASP B 226 26.72 -34.03 22.26
N SER B 227 27.92 -34.32 21.75
CA SER B 227 28.66 -35.54 22.07
C SER B 227 29.71 -35.35 23.15
N ASP B 228 29.72 -34.18 23.81
CA ASP B 228 30.72 -33.90 24.83
C ASP B 228 30.83 -35.03 25.84
N GLU B 229 32.07 -35.42 26.12
CA GLU B 229 32.37 -36.49 27.07
C GLU B 229 33.40 -35.98 28.07
N PRO B 230 33.02 -35.75 29.33
CA PRO B 230 31.67 -35.97 29.86
C PRO B 230 30.66 -34.93 29.39
N PRO B 231 29.37 -35.27 29.41
CA PRO B 231 28.35 -34.26 29.15
C PRO B 231 28.49 -33.15 30.20
N VAL B 232 28.39 -31.90 29.75
CA VAL B 232 28.56 -30.77 30.65
C VAL B 232 27.55 -29.70 30.26
N VAL B 233 26.87 -29.15 31.26
CA VAL B 233 25.85 -28.13 31.01
C VAL B 233 26.60 -26.80 31.03
N ARG B 234 26.88 -26.26 29.84
CA ARG B 234 27.62 -25.01 29.73
C ARG B 234 27.14 -24.28 28.47
N TYR B 235 26.99 -22.96 28.57
CA TYR B 235 26.52 -22.13 27.43
C TYR B 235 27.64 -21.91 26.42
N ASP B 236 27.44 -22.36 25.19
CA ASP B 236 28.44 -22.21 24.09
C ASP B 236 27.65 -22.46 22.80
N VAL B 237 27.12 -21.41 22.19
CA VAL B 237 26.22 -21.56 21.00
C VAL B 237 26.96 -22.23 19.86
N GLN B 238 28.25 -21.95 19.74
CA GLN B 238 28.98 -22.48 18.59
C GLN B 238 29.23 -23.98 18.73
N ASN B 239 29.61 -24.42 19.92
CA ASN B 239 29.96 -25.83 20.14
C ASN B 239 28.86 -26.63 20.82
N LYS B 240 27.94 -25.99 21.53
CA LYS B 240 26.89 -26.69 22.27
C LYS B 240 25.54 -26.01 22.02
N ALA B 241 25.17 -25.91 20.73
CA ALA B 241 23.98 -25.13 20.37
C ALA B 241 22.72 -25.65 21.05
N GLY B 242 22.56 -26.97 21.12
CA GLY B 242 21.34 -27.51 21.70
C GLY B 242 21.26 -27.28 23.20
N VAL B 243 22.36 -27.57 23.91
CA VAL B 243 22.40 -27.35 25.35
C VAL B 243 22.21 -25.87 25.66
N SER B 244 22.88 -25.02 24.87
CA SER B 244 22.76 -23.56 25.04
C SER B 244 21.33 -23.10 24.87
N ASN B 245 20.66 -23.62 23.84
CA ASN B 245 19.28 -23.23 23.60
C ASN B 245 18.39 -23.68 24.75
N LEU B 246 18.68 -24.86 25.31
CA LEU B 246 17.91 -25.33 26.46
C LEU B 246 18.13 -24.42 27.66
N LEU B 247 19.39 -24.11 27.94
CA LEU B 247 19.70 -23.15 29.01
C LEU B 247 19.00 -21.81 28.79
N ASP B 248 18.96 -21.35 27.54
CA ASP B 248 18.31 -20.07 27.24
C ASP B 248 16.81 -20.11 27.54
N ILE B 249 16.16 -21.22 27.18
CA ILE B 249 14.74 -21.37 27.49
C ILE B 249 14.52 -21.40 29.01
N LEU B 250 15.32 -22.19 29.71
CA LEU B 250 15.20 -22.29 31.17
C LEU B 250 15.40 -20.94 31.82
N SER B 251 16.45 -20.23 31.39
CA SER B 251 16.73 -18.91 31.96
C SER B 251 15.55 -17.96 31.72
N ALA B 252 14.94 -18.05 30.54
CA ALA B 252 13.84 -17.15 30.20
C ALA B 252 12.57 -17.47 30.98
N VAL B 253 12.31 -18.75 31.25
CA VAL B 253 11.11 -19.09 32.01
C VAL B 253 11.30 -18.80 33.49
N THR B 254 12.49 -19.09 34.04
CA THR B 254 12.69 -19.00 35.48
C THR B 254 13.18 -17.63 35.93
N GLY B 255 13.79 -16.85 35.03
CA GLY B 255 14.48 -15.63 35.40
C GLY B 255 15.89 -15.82 35.90
N GLN B 256 16.28 -17.07 36.09
CA GLN B 256 17.63 -17.38 36.59
C GLN B 256 18.63 -17.05 35.50
N SER B 257 19.80 -16.53 35.86
CA SER B 257 20.85 -16.23 34.91
C SER B 257 21.54 -17.49 34.41
N ILE B 258 22.22 -17.35 33.26
CA ILE B 258 23.02 -18.46 32.74
C ILE B 258 24.11 -18.87 33.71
N PRO B 259 24.96 -17.96 34.24
CA PRO B 259 25.94 -18.39 35.24
C PRO B 259 25.34 -19.16 36.42
N GLU B 260 24.17 -18.72 36.89
CA GLU B 260 23.49 -19.41 38.01
C GLU B 260 23.11 -20.83 37.57
N LEU B 261 22.54 -20.94 36.37
CA LEU B 261 22.09 -22.26 35.86
C LEU B 261 23.31 -23.17 35.70
N GLU B 262 24.36 -22.62 35.13
CA GLU B 262 25.60 -23.41 34.97
C GLU B 262 26.04 -23.92 36.34
N LYS B 263 26.02 -23.06 37.36
CA LYS B 263 26.39 -23.52 38.70
C LYS B 263 25.39 -24.54 39.23
N GLN B 264 24.10 -24.33 38.97
CA GLN B 264 23.10 -25.29 39.43
C GLN B 264 23.32 -26.68 38.83
N PHE B 265 23.87 -26.73 37.63
CA PHE B 265 23.99 -28.03 36.93
C PHE B 265 25.42 -28.58 37.00
N GLU B 266 26.23 -27.96 37.86
CA GLU B 266 27.60 -28.49 38.04
C GLU B 266 27.48 -29.93 38.53
N GLY B 267 28.20 -30.82 37.87
CA GLY B 267 28.22 -32.24 38.28
C GLY B 267 27.03 -32.96 37.70
N LYS B 268 26.23 -32.23 36.96
CA LYS B 268 25.01 -32.82 36.40
C LYS B 268 25.12 -32.87 34.88
N MET B 269 24.20 -33.61 34.28
CA MET B 269 24.28 -33.78 32.82
C MET B 269 22.94 -33.39 32.17
N TYR B 270 22.72 -33.86 30.94
CA TYR B 270 21.56 -33.37 30.16
C TYR B 270 20.22 -33.87 30.74
N GLY B 271 20.21 -34.98 31.46
CA GLY B 271 18.97 -35.40 32.07
C GLY B 271 18.43 -34.41 33.09
N HIS B 272 19.30 -33.88 33.95
CA HIS B 272 18.89 -32.82 34.88
C HIS B 272 18.49 -31.56 34.14
N LEU B 273 19.27 -31.18 33.13
CA LEU B 273 18.96 -29.99 32.34
C LEU B 273 17.58 -30.11 31.72
N LYS B 274 17.36 -31.19 30.97
CA LYS B 274 16.08 -31.36 30.27
C LYS B 274 14.93 -31.54 31.25
N GLY B 275 15.18 -32.22 32.36
CA GLY B 275 14.12 -32.40 33.34
C GLY B 275 13.59 -31.08 33.84
N GLU B 276 14.48 -30.13 34.04
CA GLU B 276 14.01 -28.87 34.57
C GLU B 276 13.63 -27.85 33.50
N VAL B 277 14.15 -27.97 32.27
CA VAL B 277 13.50 -27.25 31.19
C VAL B 277 12.07 -27.75 31.02
N ALA B 278 11.90 -29.06 31.08
CA ALA B 278 10.57 -29.62 30.84
C ALA B 278 9.62 -29.26 31.97
N ASP B 279 10.09 -29.27 33.22
CA ASP B 279 9.26 -28.86 34.35
C ASP B 279 8.82 -27.41 34.23
N ALA B 280 9.78 -26.51 33.98
CA ALA B 280 9.49 -25.08 33.94
C ALA B 280 8.52 -24.76 32.80
N VAL B 281 8.83 -25.26 31.59
CA VAL B 281 7.98 -25.00 30.43
C VAL B 281 6.61 -25.62 30.63
N SER B 282 6.54 -26.84 31.14
CA SER B 282 5.24 -27.50 31.27
C SER B 282 4.33 -26.71 32.19
N GLY B 283 4.89 -26.21 33.31
CA GLY B 283 4.09 -25.42 34.23
C GLY B 283 3.65 -24.09 33.62
N MET B 284 4.55 -23.42 32.90
CA MET B 284 4.19 -22.18 32.23
C MET B 284 3.03 -22.40 31.26
N LEU B 285 3.15 -23.42 30.41
CA LEU B 285 2.14 -23.68 29.39
C LEU B 285 0.81 -24.12 30.01
N THR B 286 0.86 -24.90 31.09
CA THR B 286 -0.38 -25.30 31.76
C THR B 286 -1.15 -24.09 32.27
N GLU B 287 -0.47 -23.19 32.98
CA GLU B 287 -1.14 -21.98 33.49
C GLU B 287 -1.56 -21.08 32.37
N LEU B 288 -0.70 -20.90 31.36
CA LEU B 288 -1.06 -20.06 30.22
C LEU B 288 -2.32 -20.59 29.55
N GLN B 289 -2.38 -21.90 29.34
CA GLN B 289 -3.49 -22.44 28.58
C GLN B 289 -4.79 -22.38 29.38
N GLU B 290 -4.70 -22.44 30.71
CA GLU B 290 -5.91 -22.32 31.53
C GLU B 290 -6.54 -20.93 31.38
N ARG B 291 -5.72 -19.88 31.44
CA ARG B 291 -6.23 -18.54 31.16
C ARG B 291 -6.73 -18.42 29.73
N TYR B 292 -5.99 -19.03 28.79
CA TYR B 292 -6.32 -18.90 27.37
C TYR B 292 -7.77 -19.30 27.08
N HIS B 293 -8.18 -20.47 27.54
CA HIS B 293 -9.52 -20.92 27.21
C HIS B 293 -10.59 -20.04 27.84
N ARG B 294 -10.34 -19.50 29.04
CA ARG B 294 -11.28 -18.56 29.63
C ARG B 294 -11.48 -17.34 28.74
N PHE B 295 -10.42 -16.86 28.08
CA PHE B 295 -10.57 -15.74 27.15
C PHE B 295 -11.09 -16.19 25.78
N ARG B 296 -10.50 -17.23 25.23
CA ARG B 296 -10.82 -17.62 23.84
C ARG B 296 -12.30 -17.96 23.62
N ASN B 297 -12.93 -18.55 24.61
CA ASN B 297 -14.33 -19.02 24.47
C ASN B 297 -15.32 -17.91 24.83
N ASP B 298 -14.83 -16.71 25.11
CA ASP B 298 -15.69 -15.57 25.50
C ASP B 298 -15.72 -14.58 24.34
N GLU B 299 -16.53 -14.86 23.31
CA GLU B 299 -16.59 -14.00 22.10
C GLU B 299 -16.93 -12.55 22.46
N ALA B 300 -17.84 -12.37 23.42
CA ALA B 300 -18.26 -11.00 23.79
C ALA B 300 -17.04 -10.22 24.26
N PHE B 301 -16.21 -10.86 25.04
CA PHE B 301 -15.05 -10.15 25.57
C PHE B 301 -14.03 -9.87 24.47
N LEU B 302 -13.77 -10.87 23.62
CA LEU B 302 -12.86 -10.67 22.49
C LEU B 302 -13.37 -9.57 21.58
N GLN B 303 -14.68 -9.57 21.33
CA GLN B 303 -15.30 -8.55 20.48
C GLN B 303 -15.14 -7.17 21.09
N GLN B 304 -15.33 -7.06 22.40
CA GLN B 304 -15.20 -5.76 23.05
C GLN B 304 -13.75 -5.28 23.01
N VAL B 305 -12.78 -6.18 23.24
CA VAL B 305 -11.38 -5.79 23.24
C VAL B 305 -10.98 -5.26 21.86
N MET B 306 -11.44 -5.93 20.81
CA MET B 306 -11.13 -5.55 19.44
C MET B 306 -11.75 -4.19 19.12
N LYS B 307 -12.98 -3.97 19.56
CA LYS B 307 -13.67 -2.71 19.31
C LYS B 307 -12.97 -1.54 20.01
N ASP B 308 -12.77 -1.65 21.32
CA ASP B 308 -12.10 -0.60 22.07
C ASP B 308 -10.68 -0.36 21.55
N GLY B 309 -9.97 -1.45 21.24
CA GLY B 309 -8.60 -1.31 20.80
C GLY B 309 -8.47 -0.61 19.47
N ALA B 310 -9.37 -0.94 18.52
CA ALA B 310 -9.32 -0.26 17.23
C ALA B 310 -9.68 1.22 17.40
N GLU B 311 -10.60 1.52 18.31
CA GLU B 311 -10.97 2.91 18.54
C GLU B 311 -9.78 3.70 19.08
N LYS B 312 -9.10 3.14 20.09
CA LYS B 312 -7.93 3.81 20.66
C LYS B 312 -6.82 3.93 19.62
N ALA B 313 -6.53 2.84 18.89
CA ALA B 313 -5.50 2.92 17.86
C ALA B 313 -5.85 3.94 16.79
N SER B 314 -7.12 3.96 16.35
CA SER B 314 -7.52 4.88 15.30
C SER B 314 -7.27 6.33 15.69
N ALA B 315 -7.52 6.68 16.94
CA ALA B 315 -7.30 8.05 17.38
C ALA B 315 -5.83 8.46 17.22
N HIS B 316 -4.91 7.58 17.60
CA HIS B 316 -3.48 7.87 17.41
C HIS B 316 -3.12 7.88 15.93
N ALA B 317 -3.52 6.84 15.21
CA ALA B 317 -3.09 6.69 13.84
C ALA B 317 -3.62 7.81 12.95
N SER B 318 -4.88 8.20 13.15
CA SER B 318 -5.45 9.24 12.30
C SER B 318 -4.69 10.55 12.47
N ARG B 319 -4.23 10.83 13.70
CA ARG B 319 -3.48 12.06 13.94
C ARG B 319 -2.17 12.04 13.14
N THR B 320 -1.44 10.92 13.19
CA THR B 320 -0.18 10.83 12.46
C THR B 320 -0.39 10.88 10.95
N LEU B 321 -1.39 10.14 10.45
CA LEU B 321 -1.64 10.12 9.00
C LEU B 321 -2.00 11.51 8.49
N LYS B 322 -2.77 12.23 9.27
CA LYS B 322 -3.11 13.61 8.86
C LYS B 322 -1.83 14.44 8.76
N ALA B 323 -0.94 14.31 9.74
CA ALA B 323 0.29 15.10 9.61
C ALA B 323 1.13 14.65 8.39
N VAL B 324 1.19 13.34 8.14
CA VAL B 324 1.91 12.82 6.97
C VAL B 324 1.31 13.39 5.70
N TYR B 325 -0.02 13.32 5.59
CA TYR B 325 -0.69 13.76 4.37
C TYR B 325 -0.52 15.26 4.17
N GLU B 326 -0.52 16.03 5.26
CA GLU B 326 -0.31 17.46 5.14
C GLU B 326 1.11 17.74 4.67
N ALA B 327 2.08 17.01 5.21
CA ALA B 327 3.49 17.20 4.85
C ALA B 327 3.75 16.87 3.38
N ILE B 328 3.18 15.77 2.87
CA ILE B 328 3.53 15.40 1.50
C ILE B 328 2.73 16.17 0.47
N GLY B 329 1.72 16.91 0.89
CA GLY B 329 1.01 17.80 0.02
C GLY B 329 -0.36 17.34 -0.47
N PHE B 330 -0.99 16.38 0.21
CA PHE B 330 -2.34 15.97 -0.17
C PHE B 330 -3.34 17.03 0.28
N VAL B 331 -4.37 17.23 -0.53
CA VAL B 331 -5.54 17.99 -0.08
C VAL B 331 -6.16 17.26 1.09
N ALA B 332 -6.34 17.93 2.22
CA ALA B 332 -6.88 17.25 3.38
C ALA B 332 -8.35 16.87 3.17
N LYS B 333 -8.70 15.67 3.61
CA LYS B 333 -10.08 15.19 3.57
C LYS B 333 -10.99 16.09 4.39
N ARG B 334 -12.20 16.31 3.90
CA ARG B 334 -13.20 17.12 4.59
C ARG B 334 -13.77 16.39 5.82
#